data_4AWF
#
_entry.id   4AWF
#
_cell.length_a   260.870
_cell.length_b   65.750
_cell.length_c   66.030
_cell.angle_alpha   90.00
_cell.angle_beta   95.76
_cell.angle_gamma   90.00
#
_symmetry.space_group_name_H-M   'C 1 2 1'
#
loop_
_entity.id
_entity.type
_entity.pdbx_description
1 polymer 'POLYMERASE PA'
2 non-polymer 'MANGANESE (II) ION'
3 non-polymer '2-4-DIOXO-4-PHENYLBUTANOIC ACID'
4 water water
#
_entity_poly.entity_id   1
_entity_poly.type   'polypeptide(L)'
_entity_poly.pdbx_seq_one_letter_code
;MGSGMAMEDFVRQCFNPMIVELAEKAMKEYGEDPKIETNKFAAICTHLEVCFMYSDFHFIDERGESIIVESGDPNALLKH
RFEIIEGRDRIMAWTVVNSICNTTGVEKPKFLPDLYDYKENRFIEIGVTRREVHIYYLEKANKIKSEKTHIHIFSFTGEE
MATKADYTLDEESRARIKTRLFTIRQEMASRSLWDSFRQSERGE
;
_entity_poly.pdbx_strand_id   A,B,C,D
#
# COMPACT_ATOMS: atom_id res chain seq x y z
N SER A 3 28.23 -7.04 -17.76
CA SER A 3 27.22 -6.73 -18.83
C SER A 3 26.31 -5.54 -18.48
N GLY A 4 26.07 -5.30 -17.19
CA GLY A 4 25.13 -4.29 -16.72
C GLY A 4 23.85 -4.92 -16.17
N MET A 5 23.66 -6.21 -16.41
CA MET A 5 22.55 -7.00 -15.85
C MET A 5 22.34 -6.75 -14.36
N ALA A 6 23.44 -6.68 -13.60
CA ALA A 6 23.36 -6.60 -12.14
C ALA A 6 22.75 -5.28 -11.69
N MET A 7 23.20 -4.18 -12.26
CA MET A 7 22.63 -2.89 -11.90
C MET A 7 21.17 -2.80 -12.37
N GLU A 8 20.89 -3.34 -13.54
CA GLU A 8 19.57 -3.19 -14.11
C GLU A 8 18.54 -3.87 -13.22
N ASP A 9 18.90 -5.04 -12.70
CA ASP A 9 18.01 -5.84 -11.80
C ASP A 9 17.85 -5.21 -10.43
N PHE A 10 18.94 -4.67 -9.91
CA PHE A 10 18.85 -3.90 -8.70
C PHE A 10 17.85 -2.75 -8.85
N VAL A 11 17.92 -2.02 -9.95
CA VAL A 11 17.03 -0.86 -10.17
C VAL A 11 15.57 -1.28 -10.20
N ARG A 12 15.28 -2.40 -10.85
CA ARG A 12 13.89 -2.86 -10.94
C ARG A 12 13.27 -3.29 -9.61
N GLN A 13 14.08 -3.79 -8.66
CA GLN A 13 13.52 -4.14 -7.36
C GLN A 13 13.59 -3.00 -6.33
N CYS A 14 14.47 -2.03 -6.55
CA CYS A 14 14.64 -0.88 -5.65
C CYS A 14 13.44 0.12 -5.76
N PHE A 15 12.97 0.36 -6.96
CA PHE A 15 11.98 1.41 -7.17
C PHE A 15 10.66 0.80 -7.53
N ASN A 16 9.60 1.53 -7.21
CA ASN A 16 8.27 1.13 -7.54
C ASN A 16 8.00 1.21 -9.06
N PRO A 17 6.99 0.46 -9.53
CA PRO A 17 6.74 0.26 -10.97
C PRO A 17 6.39 1.52 -11.78
N MET A 18 5.76 2.50 -11.14
CA MET A 18 5.52 3.82 -11.74
C MET A 18 6.86 4.50 -12.07
N ILE A 19 7.72 4.65 -11.05
CA ILE A 19 9.06 5.23 -11.23
C ILE A 19 9.78 4.53 -12.35
N VAL A 20 9.80 3.20 -12.32
CA VAL A 20 10.53 2.42 -13.30
C VAL A 20 9.96 2.69 -14.70
N GLU A 21 8.63 2.69 -14.83
CA GLU A 21 8.03 2.91 -16.15
C GLU A 21 8.40 4.31 -16.71
N LEU A 22 8.30 5.32 -15.86
CA LEU A 22 8.67 6.69 -16.21
C LEU A 22 10.13 6.77 -16.67
N ALA A 23 11.05 6.17 -15.92
CA ALA A 23 12.49 6.18 -16.31
C ALA A 23 12.71 5.50 -17.63
N GLU A 24 12.13 4.30 -17.81
CA GLU A 24 12.21 3.62 -19.12
C GLU A 24 11.65 4.52 -20.24
N LYS A 25 10.50 5.11 -19.98
CA LYS A 25 9.84 6.00 -20.93
C LYS A 25 10.77 7.16 -21.36
N ALA A 26 11.33 7.86 -20.37
CA ALA A 26 12.30 8.93 -20.63
C ALA A 26 13.48 8.44 -21.44
N MET A 27 14.01 7.27 -21.08
CA MET A 27 15.16 6.77 -21.82
C MET A 27 14.83 6.41 -23.30
N LYS A 28 13.72 5.71 -23.53
CA LYS A 28 13.33 5.35 -24.91
C LYS A 28 13.11 6.59 -25.79
N GLU A 29 12.48 7.60 -25.20
CA GLU A 29 12.22 8.84 -25.91
C GLU A 29 13.51 9.49 -26.50
N TYR A 30 14.62 9.42 -25.75
CA TYR A 30 15.90 10.01 -26.21
C TYR A 30 16.94 9.00 -26.75
N GLY A 31 16.48 7.83 -27.17
CA GLY A 31 17.37 6.87 -27.86
C GLY A 31 18.24 6.07 -26.90
N GLU A 32 17.80 5.97 -25.64
CA GLU A 32 18.61 5.33 -24.60
C GLU A 32 17.95 4.03 -24.15
N ASP A 33 18.73 2.96 -24.18
CA ASP A 33 18.29 1.65 -23.72
C ASP A 33 18.60 1.43 -22.21
N PRO A 34 17.55 1.25 -21.37
CA PRO A 34 17.76 0.99 -19.91
C PRO A 34 18.66 -0.21 -19.58
N LYS A 35 18.70 -1.21 -20.45
CA LYS A 35 19.50 -2.42 -20.28
C LYS A 35 21.02 -2.19 -20.50
N ILE A 36 21.36 -1.13 -21.20
CA ILE A 36 22.72 -0.87 -21.62
C ILE A 36 23.31 0.22 -20.77
N GLU A 37 22.59 1.33 -20.62
CA GLU A 37 23.09 2.44 -19.84
C GLU A 37 22.49 2.33 -18.48
N THR A 38 22.90 1.31 -17.73
CA THR A 38 22.20 0.94 -16.53
C THR A 38 22.44 1.93 -15.39
N ASN A 39 23.56 2.64 -15.36
CA ASN A 39 23.75 3.65 -14.29
C ASN A 39 22.83 4.86 -14.43
N LYS A 40 22.79 5.37 -15.65
CA LYS A 40 21.79 6.34 -16.05
C LYS A 40 20.42 5.88 -15.62
N PHE A 41 20.09 4.62 -15.91
CA PHE A 41 18.80 4.06 -15.50
C PHE A 41 18.62 4.30 -13.98
N ALA A 42 19.65 4.02 -13.20
CA ALA A 42 19.52 4.17 -11.74
C ALA A 42 19.42 5.62 -11.34
N ALA A 43 20.16 6.50 -12.00
CA ALA A 43 20.13 7.95 -11.67
C ALA A 43 18.79 8.55 -12.05
N ILE A 44 18.23 8.16 -13.20
CA ILE A 44 16.91 8.69 -13.57
C ILE A 44 15.84 8.28 -12.54
N CYS A 45 15.82 6.98 -12.17
CA CYS A 45 14.83 6.56 -11.16
C CYS A 45 14.98 7.32 -9.87
N THR A 46 16.20 7.40 -9.34
CA THR A 46 16.47 8.08 -8.06
C THR A 46 16.02 9.53 -8.06
N HIS A 47 16.28 10.24 -9.14
CA HIS A 47 15.84 11.64 -9.24
C HIS A 47 14.31 11.76 -9.24
N LEU A 48 13.60 10.84 -9.92
CA LEU A 48 12.12 10.82 -9.88
C LEU A 48 11.61 10.60 -8.46
N GLU A 49 12.18 9.60 -7.78
CA GLU A 49 11.67 9.26 -6.46
C GLU A 49 11.83 10.44 -5.51
N VAL A 50 12.95 11.15 -5.59
CA VAL A 50 13.17 12.31 -4.73
C VAL A 50 12.21 13.44 -5.03
N CYS A 51 12.01 13.73 -6.32
CA CYS A 51 10.95 14.70 -6.76
C CYS A 51 9.55 14.33 -6.26
N PHE A 52 9.19 13.06 -6.27
CA PHE A 52 7.89 12.65 -5.73
C PHE A 52 7.83 12.68 -4.20
N MET A 53 8.87 12.18 -3.53
CA MET A 53 8.98 12.25 -2.06
C MET A 53 8.87 13.69 -1.58
N TYR A 54 9.58 14.58 -2.26
CA TYR A 54 9.56 15.99 -1.86
C TYR A 54 8.15 16.54 -1.91
N SER A 55 7.36 16.07 -2.87
CA SER A 55 6.02 16.61 -3.07
C SER A 55 4.96 15.96 -2.19
N ASP A 56 5.15 14.68 -1.84
CA ASP A 56 4.22 13.89 -1.02
C ASP A 56 3.75 14.61 0.21
N PHE A 57 2.45 14.54 0.47
CA PHE A 57 1.87 14.87 1.77
C PHE A 57 1.68 16.36 2.02
N HIS A 58 2.05 17.23 1.08
CA HIS A 58 2.10 18.67 1.40
C HIS A 58 0.98 19.43 0.73
N PHE A 59 0.22 20.18 1.50
CA PHE A 59 -1.00 20.86 1.00
C PHE A 59 -1.09 22.22 1.66
N ILE A 60 -1.87 23.12 1.07
CA ILE A 60 -2.15 24.42 1.69
C ILE A 60 -3.64 24.54 2.00
N SER A 66 -0.80 26.16 4.96
CA SER A 66 0.16 25.14 4.52
C SER A 66 0.37 24.00 5.52
N ILE A 67 -0.20 22.81 5.24
CA ILE A 67 -0.21 21.65 6.18
C ILE A 67 0.32 20.30 5.61
N ILE A 68 0.50 19.31 6.51
CA ILE A 68 0.92 17.95 6.13
C ILE A 68 -0.20 16.94 6.39
N VAL A 69 -0.46 16.08 5.40
CA VAL A 69 -1.57 15.14 5.43
C VAL A 69 -1.16 13.80 4.81
N GLU A 70 -1.20 12.71 5.59
CA GLU A 70 -0.93 11.35 5.09
C GLU A 70 -2.17 10.47 5.28
N PRO A 74 -6.86 12.94 2.55
CA PRO A 74 -6.58 14.08 1.68
C PRO A 74 -7.90 14.75 1.26
N ASN A 75 -8.37 15.68 2.08
CA ASN A 75 -9.69 16.29 1.88
C ASN A 75 -9.77 17.12 0.57
N ALA A 76 -11.00 17.27 0.06
CA ALA A 76 -11.24 17.77 -1.29
C ALA A 76 -11.01 19.30 -1.55
N LEU A 77 -11.04 20.14 -0.52
CA LEU A 77 -10.73 21.55 -0.76
C LEU A 77 -9.24 21.92 -0.63
N LEU A 78 -8.38 20.95 -0.29
CA LEU A 78 -6.95 21.28 -0.14
C LEU A 78 -6.25 21.44 -1.47
N LYS A 79 -5.30 22.36 -1.53
CA LYS A 79 -4.46 22.51 -2.71
C LYS A 79 -3.13 21.78 -2.43
N HIS A 80 -2.69 20.94 -3.38
CA HIS A 80 -1.32 20.38 -3.40
C HIS A 80 -0.34 21.50 -3.30
N ARG A 81 0.60 21.39 -2.39
CA ARG A 81 1.60 22.43 -2.20
C ARG A 81 2.50 22.58 -3.40
N PHE A 82 2.82 21.45 -4.02
CA PHE A 82 3.79 21.42 -5.09
C PHE A 82 3.18 20.96 -6.37
N GLU A 83 3.53 21.64 -7.45
CA GLU A 83 3.31 21.12 -8.79
C GLU A 83 4.59 20.37 -9.17
N ILE A 84 4.42 19.27 -9.89
CA ILE A 84 5.51 18.46 -10.32
C ILE A 84 5.68 18.65 -11.80
N ILE A 85 6.89 19.07 -12.20
CA ILE A 85 7.25 19.35 -13.58
C ILE A 85 8.10 18.21 -14.16
N GLU A 86 9.01 17.64 -13.37
CA GLU A 86 9.79 16.48 -13.82
C GLU A 86 8.89 15.31 -14.13
N GLY A 87 9.33 14.43 -15.04
CA GLY A 87 8.58 13.25 -15.39
C GLY A 87 7.50 13.46 -16.44
N ARG A 88 7.59 14.54 -17.20
CA ARG A 88 6.62 14.92 -18.22
C ARG A 88 7.48 15.14 -19.43
N ASP A 89 6.96 14.89 -20.62
CA ASP A 89 7.77 15.20 -21.81
C ASP A 89 7.92 16.73 -21.93
N ARG A 90 8.77 17.21 -22.83
CA ARG A 90 9.14 18.61 -22.81
C ARG A 90 7.95 19.52 -23.03
N ILE A 91 7.12 19.15 -23.98
CA ILE A 91 5.93 19.92 -24.34
C ILE A 91 5.00 20.08 -23.14
N MET A 92 4.63 18.94 -22.57
CA MET A 92 3.85 18.98 -21.35
C MET A 92 4.57 19.73 -20.28
N ALA A 93 5.87 19.49 -20.11
CA ALA A 93 6.61 20.16 -19.02
C ALA A 93 6.44 21.68 -19.13
N TRP A 94 6.69 22.19 -20.34
CA TRP A 94 6.53 23.65 -20.62
C TRP A 94 5.09 24.08 -20.56
N THR A 95 4.18 23.21 -21.01
CA THR A 95 2.76 23.54 -20.88
C THR A 95 2.48 23.84 -19.42
N VAL A 96 2.98 23.00 -18.51
CA VAL A 96 2.63 23.22 -17.10
C VAL A 96 3.27 24.49 -16.53
N VAL A 97 4.55 24.75 -16.87
CA VAL A 97 5.20 25.98 -16.37
C VAL A 97 4.46 27.24 -16.84
N ASN A 98 4.01 27.24 -18.10
CA ASN A 98 3.20 28.37 -18.63
C ASN A 98 1.94 28.62 -17.79
N SER A 99 1.33 27.54 -17.37
CA SER A 99 0.12 27.65 -16.55
C SER A 99 0.39 28.31 -15.25
N ILE A 100 1.47 27.90 -14.62
CA ILE A 100 1.83 28.46 -13.31
C ILE A 100 2.14 29.93 -13.47
N CYS A 101 2.83 30.27 -14.55
CA CYS A 101 3.22 31.67 -14.77
C CYS A 101 1.95 32.57 -14.95
N ASN A 102 0.96 32.10 -15.70
CA ASN A 102 -0.34 32.81 -15.80
C ASN A 102 -1.14 32.96 -14.49
N THR A 103 -1.28 31.86 -13.76
CA THR A 103 -1.84 31.85 -12.42
C THR A 103 -1.16 32.82 -11.49
N THR A 104 0.16 32.76 -11.39
CA THR A 104 0.82 33.41 -10.27
C THR A 104 1.54 34.67 -10.64
N GLY A 105 1.91 34.83 -11.90
CA GLY A 105 2.67 35.99 -12.33
C GLY A 105 4.16 35.82 -12.10
N VAL A 106 4.58 34.61 -11.75
CA VAL A 106 5.98 34.40 -11.55
C VAL A 106 6.73 34.43 -12.89
N GLU A 107 7.93 34.98 -12.84
CA GLU A 107 8.83 34.98 -13.96
C GLU A 107 9.04 33.59 -14.51
N LYS A 108 8.98 33.47 -15.81
CA LYS A 108 9.13 32.17 -16.41
C LYS A 108 10.61 31.87 -16.42
N PRO A 109 11.01 30.67 -15.99
CA PRO A 109 12.44 30.37 -16.00
C PRO A 109 12.91 30.00 -17.37
N LYS A 110 14.21 30.11 -17.59
CA LYS A 110 14.79 29.82 -18.90
C LYS A 110 15.01 28.34 -19.15
N PHE A 111 15.28 27.60 -18.07
CA PHE A 111 15.50 26.15 -18.07
C PHE A 111 14.40 25.44 -17.29
N LEU A 112 14.04 24.24 -17.71
CA LEU A 112 13.00 23.51 -17.02
C LEU A 112 13.38 23.20 -15.58
N PRO A 113 12.51 23.53 -14.60
CA PRO A 113 12.72 23.10 -13.22
C PRO A 113 12.02 21.79 -12.90
N ASP A 114 11.98 21.38 -11.65
CA ASP A 114 11.45 20.07 -11.25
C ASP A 114 10.11 20.19 -10.49
N LEU A 115 9.91 21.28 -9.78
CA LEU A 115 8.75 21.54 -8.97
C LEU A 115 8.42 23.06 -9.01
N TYR A 116 7.19 23.39 -8.67
CA TYR A 116 6.80 24.77 -8.29
C TYR A 116 6.18 24.69 -6.92
N ASP A 117 6.59 25.57 -6.02
CA ASP A 117 6.06 25.65 -4.66
C ASP A 117 5.05 26.81 -4.57
N TYR A 118 3.76 26.47 -4.50
CA TYR A 118 2.69 27.49 -4.38
C TYR A 118 2.68 28.25 -3.06
N LYS A 119 3.30 27.72 -2.00
CA LYS A 119 3.41 28.53 -0.76
C LYS A 119 4.46 29.63 -0.91
N GLU A 120 5.62 29.29 -1.45
CA GLU A 120 6.74 30.25 -1.51
C GLU A 120 6.74 30.96 -2.86
N ASN A 121 5.90 30.48 -3.76
CA ASN A 121 5.87 30.99 -5.13
C ASN A 121 7.19 31.03 -5.86
N ARG A 122 7.82 29.87 -5.95
CA ARG A 122 9.06 29.75 -6.64
C ARG A 122 9.20 28.36 -7.23
N PHE A 123 9.86 28.30 -8.39
CA PHE A 123 10.30 27.03 -8.92
C PHE A 123 11.52 26.51 -8.20
N ILE A 124 11.65 25.18 -8.22
CA ILE A 124 12.67 24.43 -7.51
C ILE A 124 13.43 23.51 -8.48
N GLU A 125 14.76 23.57 -8.43
CA GLU A 125 15.62 22.60 -9.07
C GLU A 125 16.07 21.64 -7.99
N ILE A 126 15.66 20.38 -8.11
CA ILE A 126 16.09 19.32 -7.21
C ILE A 126 17.28 18.66 -7.87
N GLY A 127 18.40 18.64 -7.14
CA GLY A 127 19.56 17.91 -7.64
C GLY A 127 19.79 16.68 -6.81
N VAL A 128 20.25 15.60 -7.42
CA VAL A 128 20.72 14.37 -6.71
C VAL A 128 22.12 13.93 -7.24
N THR A 129 23.07 13.67 -6.32
CA THR A 129 24.46 13.44 -6.70
C THR A 129 25.14 12.35 -5.81
N ARG A 130 26.03 11.57 -6.43
CA ARG A 130 26.87 10.58 -5.74
C ARG A 130 28.19 11.25 -5.32
N ARG A 131 28.39 12.49 -5.76
CA ARG A 131 29.59 13.23 -5.46
C ARG A 131 29.31 14.07 -4.23
N GLU A 132 30.15 15.04 -3.94
CA GLU A 132 29.91 15.82 -2.73
C GLU A 132 28.88 16.93 -3.00
N VAL A 133 28.06 17.19 -1.99
CA VAL A 133 26.88 18.00 -2.13
C VAL A 133 27.17 19.48 -2.47
N HIS A 134 28.15 20.07 -1.77
CA HIS A 134 28.51 21.46 -2.00
C HIS A 134 29.00 21.68 -3.37
N ILE A 135 30.00 20.92 -3.84
CA ILE A 135 30.54 21.17 -5.16
C ILE A 135 29.46 21.07 -6.25
N TYR A 136 28.55 20.11 -6.09
CA TYR A 136 27.45 19.93 -7.07
C TYR A 136 26.46 21.08 -7.05
N TYR A 137 26.12 21.54 -5.87
CA TYR A 137 25.33 22.72 -5.75
C TYR A 137 25.94 23.87 -6.54
N LEU A 138 27.22 24.16 -6.29
CA LEU A 138 27.91 25.24 -6.98
C LEU A 138 27.90 25.06 -8.47
N GLU A 139 28.18 23.86 -8.99
CA GLU A 139 28.04 23.68 -10.46
C GLU A 139 26.59 23.95 -10.96
N LYS A 140 25.58 23.53 -10.19
CA LYS A 140 24.18 23.76 -10.59
C LYS A 140 23.80 25.25 -10.51
N ALA A 141 24.34 25.96 -9.51
CA ALA A 141 24.05 27.39 -9.32
C ALA A 141 24.71 28.26 -10.39
N ASN A 142 25.78 27.74 -10.98
CA ASN A 142 26.45 28.40 -12.10
C ASN A 142 25.72 28.20 -13.44
N LYS A 143 25.09 27.05 -13.64
CA LYS A 143 24.34 26.73 -14.87
C LYS A 143 22.93 27.36 -14.83
N ILE A 144 22.63 28.06 -13.74
CA ILE A 144 21.42 28.83 -13.54
C ILE A 144 21.87 30.18 -12.96
N LYS A 148 16.60 33.06 -8.83
CA LYS A 148 15.21 32.90 -9.24
C LYS A 148 14.69 31.49 -8.99
N THR A 149 15.26 30.50 -9.67
CA THR A 149 14.97 29.10 -9.39
C THR A 149 15.76 28.65 -8.17
N HIS A 150 15.03 28.33 -7.10
CA HIS A 150 15.60 27.82 -5.85
C HIS A 150 16.13 26.42 -6.06
N ILE A 151 17.34 26.15 -5.59
CA ILE A 151 18.03 24.88 -5.86
C ILE A 151 18.10 24.12 -4.55
N HIS A 152 17.90 22.80 -4.58
CA HIS A 152 18.01 21.95 -3.40
C HIS A 152 18.63 20.65 -3.84
N ILE A 153 19.81 20.34 -3.31
CA ILE A 153 20.62 19.18 -3.72
C ILE A 153 20.62 18.13 -2.60
N PHE A 154 20.46 16.87 -2.95
CA PHE A 154 20.60 15.77 -2.00
C PHE A 154 21.73 14.84 -2.43
N SER A 155 22.55 14.36 -1.50
CA SER A 155 23.60 13.39 -1.83
C SER A 155 23.17 11.99 -1.35
N PHE A 156 23.83 10.98 -1.89
CA PHE A 156 23.61 9.60 -1.44
C PHE A 156 24.20 9.30 -0.08
N THR A 157 25.04 10.19 0.45
CA THR A 157 25.60 9.95 1.77
C THR A 157 24.82 10.63 2.88
N GLY A 158 23.65 11.20 2.56
CA GLY A 158 22.76 11.76 3.60
C GLY A 158 22.88 13.26 3.80
N GLU A 159 23.42 13.94 2.82
CA GLU A 159 23.50 15.40 2.90
C GLU A 159 22.57 16.13 1.96
N GLU A 160 22.37 17.40 2.29
CA GLU A 160 21.65 18.34 1.40
C GLU A 160 22.27 19.72 1.44
N MET A 161 22.08 20.51 0.39
CA MET A 161 22.37 21.92 0.44
C MET A 161 21.25 22.63 -0.32
N ALA A 162 20.82 23.78 0.19
CA ALA A 162 19.70 24.52 -0.39
C ALA A 162 20.01 26.02 -0.42
N THR A 163 19.58 26.65 -1.49
CA THR A 163 19.76 28.10 -1.67
C THR A 163 19.47 28.92 -0.40
N LYS A 164 20.48 29.70 0.02
CA LYS A 164 20.42 30.63 1.15
C LYS A 164 20.01 29.94 2.43
N ALA A 165 20.33 28.66 2.57
CA ALA A 165 19.99 27.89 3.79
C ALA A 165 18.50 27.86 4.03
N ASP A 166 17.76 27.97 2.93
CA ASP A 166 16.32 27.86 2.94
C ASP A 166 15.98 26.45 2.39
N TYR A 167 15.50 25.59 3.28
CA TYR A 167 15.32 24.21 2.96
C TYR A 167 13.90 23.84 2.60
N THR A 168 13.01 24.84 2.50
CA THR A 168 11.63 24.66 2.04
C THR A 168 10.83 23.81 3.02
N LEU A 169 11.18 22.53 3.16
CA LEU A 169 10.39 21.57 3.93
C LEU A 169 10.82 21.46 5.38
N ASP A 170 9.94 20.91 6.19
CA ASP A 170 10.25 20.55 7.58
C ASP A 170 11.37 19.51 7.62
N GLU A 171 12.00 19.36 8.78
CA GLU A 171 13.16 18.46 8.92
C GLU A 171 12.79 17.00 8.74
N GLU A 172 11.61 16.59 9.21
CA GLU A 172 11.21 15.20 9.09
C GLU A 172 11.09 14.78 7.61
N SER A 173 10.48 15.63 6.80
CA SER A 173 10.36 15.38 5.36
C SER A 173 11.70 15.19 4.70
N ARG A 174 12.60 16.11 4.98
CA ARG A 174 13.92 16.04 4.43
C ARG A 174 14.66 14.81 4.93
N ALA A 175 14.52 14.46 6.22
CA ALA A 175 15.12 13.22 6.76
C ALA A 175 14.66 11.98 6.01
N ARG A 176 13.44 12.02 5.50
CA ARG A 176 12.84 10.87 4.80
C ARG A 176 13.54 10.67 3.45
N ILE A 177 13.84 11.75 2.76
CA ILE A 177 14.54 11.64 1.48
C ILE A 177 16.02 11.28 1.68
N LYS A 178 16.66 11.95 2.64
CA LYS A 178 18.09 11.68 2.95
C LYS A 178 18.31 10.22 3.39
N THR A 179 17.36 9.70 4.14
CA THR A 179 17.45 8.31 4.59
C THR A 179 17.17 7.34 3.49
N ARG A 180 16.24 7.72 2.62
CA ARG A 180 16.00 6.92 1.43
C ARG A 180 17.27 6.78 0.60
N LEU A 181 17.99 7.87 0.46
CA LEU A 181 19.18 7.88 -0.40
C LEU A 181 20.40 7.22 0.25
N PHE A 182 20.61 7.44 1.54
CA PHE A 182 21.63 6.72 2.32
C PHE A 182 21.38 5.22 2.17
N THR A 183 20.12 4.82 2.23
CA THR A 183 19.76 3.41 2.11
C THR A 183 20.01 2.82 0.73
N ILE A 184 19.76 3.57 -0.33
CA ILE A 184 20.08 3.08 -1.67
C ILE A 184 21.59 2.87 -1.75
N ARG A 185 22.38 3.79 -1.22
CA ARG A 185 23.85 3.65 -1.29
C ARG A 185 24.26 2.33 -0.61
N GLN A 186 23.86 2.14 0.64
CA GLN A 186 24.17 0.93 1.40
C GLN A 186 23.76 -0.35 0.67
N GLU A 187 22.55 -0.39 0.13
CA GLU A 187 22.03 -1.58 -0.57
C GLU A 187 22.87 -1.89 -1.81
N MET A 188 23.23 -0.84 -2.55
CA MET A 188 24.13 -0.98 -3.68
C MET A 188 25.52 -1.42 -3.22
N ALA A 189 26.02 -0.78 -2.16
CA ALA A 189 27.33 -1.05 -1.59
C ALA A 189 27.44 -2.52 -1.21
N SER A 190 26.41 -3.06 -0.56
CA SER A 190 26.35 -4.48 -0.23
C SER A 190 26.55 -5.38 -1.45
N ARG A 191 25.93 -4.98 -2.57
CA ARG A 191 26.01 -5.74 -3.82
C ARG A 191 27.27 -5.44 -4.64
N SER A 192 28.22 -4.70 -4.06
CA SER A 192 29.44 -4.27 -4.75
C SER A 192 29.14 -3.47 -6.05
N LEU A 193 28.09 -2.65 -5.99
CA LEU A 193 27.67 -1.83 -7.14
C LEU A 193 27.89 -0.34 -6.87
N TRP A 194 28.01 0.07 -5.61
CA TRP A 194 28.18 1.49 -5.31
C TRP A 194 29.33 2.16 -6.03
N ASP A 195 30.54 1.63 -5.84
CA ASP A 195 31.77 2.17 -6.39
C ASP A 195 31.68 2.51 -7.91
N SER A 196 30.99 1.67 -8.65
CA SER A 196 30.88 1.83 -10.08
C SER A 196 29.74 2.83 -10.44
N PHE A 197 28.63 2.77 -9.72
CA PHE A 197 27.59 3.80 -9.84
C PHE A 197 28.12 5.21 -9.51
N ARG A 198 28.85 5.36 -8.40
CA ARG A 198 29.48 6.64 -8.09
C ARG A 198 30.39 7.07 -9.23
N GLN A 199 31.35 6.22 -9.58
CA GLN A 199 32.38 6.63 -10.53
C GLN A 199 31.84 7.04 -11.88
N SER A 200 30.68 6.53 -12.25
CA SER A 200 30.08 6.88 -13.53
C SER A 200 29.54 8.31 -13.60
N GLU A 201 29.33 8.99 -12.47
CA GLU A 201 28.84 10.38 -12.53
C GLU A 201 29.93 11.29 -13.07
N ARG A 202 29.58 12.10 -14.07
CA ARG A 202 30.47 13.16 -14.60
C ARG A 202 31.07 13.95 -13.47
N GLY A 203 32.37 14.18 -13.50
CA GLY A 203 33.01 15.02 -12.49
C GLY A 203 33.57 14.25 -11.31
N GLU A 204 34.43 14.94 -10.56
CA GLU A 204 35.32 14.33 -9.56
C GLU A 204 34.62 13.92 -8.28
N SER B 3 -32.73 3.30 10.02
CA SER B 3 -32.75 2.00 9.25
C SER B 3 -31.50 1.10 9.39
N GLY B 4 -30.39 1.65 9.90
CA GLY B 4 -29.10 0.92 9.95
C GLY B 4 -28.17 1.20 8.76
N MET B 5 -28.66 1.96 7.79
CA MET B 5 -27.83 2.39 6.66
C MET B 5 -26.53 3.13 7.07
N ALA B 6 -26.62 4.03 8.07
CA ALA B 6 -25.46 4.85 8.51
C ALA B 6 -24.31 4.00 9.01
N MET B 7 -24.63 3.04 9.86
CA MET B 7 -23.60 2.19 10.46
C MET B 7 -23.00 1.27 9.41
N GLU B 8 -23.84 0.69 8.58
CA GLU B 8 -23.35 -0.23 7.54
C GLU B 8 -22.34 0.53 6.65
N ASP B 9 -22.78 1.69 6.14
CA ASP B 9 -21.93 2.60 5.34
C ASP B 9 -20.64 2.94 6.11
N PHE B 10 -20.75 3.31 7.37
CA PHE B 10 -19.54 3.59 8.15
C PHE B 10 -18.56 2.38 8.21
N VAL B 11 -19.08 1.19 8.41
CA VAL B 11 -18.24 -0.02 8.45
C VAL B 11 -17.54 -0.22 7.12
N ARG B 12 -18.28 -0.15 6.03
CA ARG B 12 -17.67 -0.40 4.69
C ARG B 12 -16.51 0.56 4.40
N GLN B 13 -16.64 1.78 4.89
CA GLN B 13 -15.64 2.82 4.72
C GLN B 13 -14.53 2.72 5.79
N CYS B 14 -14.86 2.16 6.95
CA CYS B 14 -13.90 2.12 8.04
C CYS B 14 -12.84 1.03 7.85
N PHE B 15 -13.24 -0.16 7.38
CA PHE B 15 -12.29 -1.27 7.23
C PHE B 15 -11.91 -1.60 5.78
N ASN B 16 -10.75 -2.22 5.63
CA ASN B 16 -10.30 -2.66 4.34
C ASN B 16 -11.18 -3.81 3.77
N PRO B 17 -11.09 -4.08 2.46
CA PRO B 17 -11.96 -5.06 1.79
C PRO B 17 -11.84 -6.51 2.29
N MET B 18 -10.64 -6.90 2.72
CA MET B 18 -10.38 -8.22 3.29
C MET B 18 -11.20 -8.42 4.57
N ILE B 19 -11.08 -7.47 5.49
CA ILE B 19 -11.82 -7.49 6.73
C ILE B 19 -13.30 -7.59 6.41
N VAL B 20 -13.79 -6.71 5.53
CA VAL B 20 -15.23 -6.60 5.26
C VAL B 20 -15.75 -7.94 4.66
N GLU B 21 -15.06 -8.47 3.64
CA GLU B 21 -15.51 -9.71 3.03
C GLU B 21 -15.55 -10.85 4.07
N LEU B 22 -14.52 -11.01 4.88
CA LEU B 22 -14.51 -12.01 5.98
C LEU B 22 -15.70 -11.87 6.95
N ALA B 23 -16.05 -10.64 7.34
CA ALA B 23 -17.16 -10.34 8.29
C ALA B 23 -18.48 -10.68 7.65
N GLU B 24 -18.59 -10.29 6.37
CA GLU B 24 -19.71 -10.64 5.53
C GLU B 24 -19.90 -12.16 5.40
N LYS B 25 -18.84 -12.91 5.14
CA LYS B 25 -19.05 -14.38 5.02
C LYS B 25 -19.30 -15.03 6.40
N ALA B 26 -18.78 -14.45 7.46
CA ALA B 26 -19.01 -15.01 8.79
C ALA B 26 -20.48 -14.83 9.08
N MET B 27 -20.99 -13.63 8.85
CA MET B 27 -22.39 -13.37 9.14
C MET B 27 -23.27 -14.25 8.26
N LYS B 28 -23.03 -14.24 6.95
CA LYS B 28 -23.85 -15.03 6.04
C LYS B 28 -23.96 -16.51 6.49
N GLU B 29 -22.83 -17.08 6.88
CA GLU B 29 -22.77 -18.47 7.22
C GLU B 29 -23.71 -18.82 8.36
N TYR B 30 -23.81 -17.90 9.33
CA TYR B 30 -24.69 -18.10 10.49
C TYR B 30 -26.01 -17.39 10.33
N GLY B 31 -26.36 -17.07 9.09
CA GLY B 31 -27.72 -16.56 8.82
C GLY B 31 -28.01 -15.11 9.21
N GLU B 32 -26.96 -14.36 9.54
CA GLU B 32 -27.09 -12.94 9.87
C GLU B 32 -26.87 -12.10 8.60
N ASP B 33 -27.59 -10.98 8.50
CA ASP B 33 -27.50 -10.10 7.34
C ASP B 33 -26.87 -8.77 7.74
N PRO B 34 -25.65 -8.48 7.25
CA PRO B 34 -24.89 -7.26 7.63
C PRO B 34 -25.62 -5.93 7.48
N LYS B 35 -26.66 -5.90 6.62
CA LYS B 35 -27.49 -4.70 6.43
C LYS B 35 -28.49 -4.50 7.52
N ILE B 36 -28.78 -5.54 8.29
CA ILE B 36 -29.80 -5.47 9.33
C ILE B 36 -29.15 -5.41 10.71
N GLU B 37 -28.23 -6.34 10.96
CA GLU B 37 -27.53 -6.38 12.23
C GLU B 37 -26.24 -5.60 12.08
N THR B 38 -26.39 -4.29 12.00
CA THR B 38 -25.30 -3.45 11.58
C THR B 38 -24.29 -3.31 12.67
N ASN B 39 -24.73 -3.37 13.93
CA ASN B 39 -23.81 -3.32 15.05
C ASN B 39 -22.89 -4.54 15.16
N LYS B 40 -23.42 -5.75 14.95
CA LYS B 40 -22.58 -6.94 14.80
C LYS B 40 -21.54 -6.79 13.69
N PHE B 41 -22.03 -6.34 12.53
CA PHE B 41 -21.16 -6.12 11.39
C PHE B 41 -19.93 -5.34 11.85
N ALA B 42 -20.18 -4.26 12.59
CA ALA B 42 -19.10 -3.41 13.09
C ALA B 42 -18.26 -4.14 14.13
N ALA B 43 -18.93 -4.93 14.96
CA ALA B 43 -18.21 -5.64 16.02
C ALA B 43 -17.29 -6.71 15.44
N ILE B 44 -17.81 -7.49 14.52
CA ILE B 44 -17.03 -8.57 13.89
C ILE B 44 -15.85 -7.95 13.12
N CYS B 45 -16.08 -6.83 12.41
CA CYS B 45 -14.95 -6.24 11.66
C CYS B 45 -13.81 -5.83 12.57
N THR B 46 -14.15 -5.26 13.73
CA THR B 46 -13.18 -4.71 14.64
C THR B 46 -12.41 -5.80 15.29
N HIS B 47 -13.14 -6.82 15.73
CA HIS B 47 -12.46 -7.96 16.31
C HIS B 47 -11.51 -8.59 15.27
N LEU B 48 -11.95 -8.79 14.05
CA LEU B 48 -11.05 -9.26 12.96
C LEU B 48 -9.80 -8.36 12.81
N GLU B 49 -10.01 -7.04 12.81
CA GLU B 49 -8.89 -6.14 12.57
C GLU B 49 -7.87 -6.23 13.71
N VAL B 50 -8.35 -6.31 14.95
CA VAL B 50 -7.44 -6.42 16.11
C VAL B 50 -6.59 -7.72 16.08
N CYS B 51 -7.24 -8.83 15.74
CA CYS B 51 -6.49 -10.14 15.55
C CYS B 51 -5.36 -10.03 14.51
N PHE B 52 -5.65 -9.44 13.35
CA PHE B 52 -4.59 -9.22 12.34
C PHE B 52 -3.53 -8.26 12.82
N MET B 53 -3.92 -7.16 13.44
CA MET B 53 -2.92 -6.16 13.82
C MET B 53 -2.00 -6.75 14.86
N TYR B 54 -2.58 -7.58 15.74
CA TYR B 54 -1.86 -8.23 16.85
C TYR B 54 -0.74 -9.14 16.32
N SER B 55 -0.98 -9.81 15.19
CA SER B 55 0.02 -10.70 14.59
C SER B 55 0.92 -10.05 13.55
N ASP B 56 0.45 -8.95 12.94
CA ASP B 56 1.24 -8.20 11.92
C ASP B 56 2.65 -7.98 12.41
N PHE B 57 3.62 -8.30 11.56
CA PHE B 57 5.02 -7.89 11.75
C PHE B 57 5.86 -8.80 12.64
N HIS B 58 5.28 -9.78 13.33
CA HIS B 58 6.06 -10.56 14.31
C HIS B 58 6.55 -11.90 13.77
N PHE B 59 7.86 -12.09 13.86
CA PHE B 59 8.53 -13.27 13.34
C PHE B 59 9.45 -13.83 14.41
N ILE B 60 9.79 -15.11 14.34
CA ILE B 60 10.94 -15.67 15.09
C ILE B 60 12.05 -16.10 14.09
N SER B 66 12.83 -14.00 18.34
CA SER B 66 11.60 -13.25 18.12
C SER B 66 11.88 -11.78 17.84
N ILE B 67 11.50 -11.33 16.64
CA ILE B 67 11.82 -9.98 16.15
C ILE B 67 10.67 -9.31 15.39
N ILE B 68 10.83 -8.03 15.05
CA ILE B 68 9.81 -7.24 14.34
C ILE B 68 10.29 -6.91 12.91
N VAL B 69 9.46 -7.12 11.89
CA VAL B 69 9.85 -6.83 10.52
C VAL B 69 8.67 -6.20 9.78
N GLU B 70 8.90 -5.11 9.05
CA GLU B 70 7.86 -4.41 8.27
C GLU B 70 8.25 -4.31 6.79
N PRO B 74 9.46 -9.69 4.26
CA PRO B 74 10.01 -10.54 5.32
C PRO B 74 10.90 -11.61 4.74
N ASN B 75 12.07 -11.81 5.34
CA ASN B 75 12.99 -12.87 4.94
C ASN B 75 12.33 -14.27 4.87
N ALA B 76 12.63 -15.01 3.81
CA ALA B 76 12.03 -16.31 3.54
C ALA B 76 12.32 -17.44 4.55
N LEU B 77 13.37 -17.34 5.36
CA LEU B 77 13.61 -18.32 6.43
C LEU B 77 12.91 -17.98 7.77
N LEU B 78 12.26 -16.82 7.85
CA LEU B 78 11.63 -16.37 9.08
C LEU B 78 10.26 -17.05 9.30
N LYS B 79 10.02 -17.49 10.54
CA LYS B 79 8.73 -18.08 10.95
C LYS B 79 7.84 -17.01 11.60
N HIS B 80 6.56 -16.98 11.22
CA HIS B 80 5.55 -16.10 11.86
C HIS B 80 5.49 -16.34 13.31
N ARG B 81 5.41 -15.29 14.11
CA ARG B 81 5.33 -15.53 15.53
C ARG B 81 3.99 -16.14 15.93
N PHE B 82 2.91 -15.78 15.23
CA PHE B 82 1.54 -16.09 15.64
C PHE B 82 0.81 -16.79 14.54
N GLU B 83 0.16 -17.90 14.87
CA GLU B 83 -0.83 -18.50 13.98
C GLU B 83 -2.18 -17.82 14.21
N ILE B 84 -3.01 -17.72 13.16
CA ILE B 84 -4.28 -17.04 13.30
C ILE B 84 -5.39 -18.06 13.10
N ILE B 85 -6.25 -18.19 14.11
CA ILE B 85 -7.32 -19.21 14.16
C ILE B 85 -8.64 -18.54 13.78
N GLU B 86 -8.92 -17.40 14.41
CA GLU B 86 -10.02 -16.54 14.02
C GLU B 86 -9.97 -16.22 12.55
N GLY B 87 -11.14 -16.01 11.96
CA GLY B 87 -11.27 -15.75 10.56
C GLY B 87 -11.50 -17.00 9.68
N ARG B 88 -11.43 -18.20 10.26
CA ARG B 88 -11.56 -19.47 9.51
C ARG B 88 -12.88 -20.08 9.89
N ASP B 89 -13.46 -20.92 9.03
CA ASP B 89 -14.69 -21.58 9.44
C ASP B 89 -14.35 -22.63 10.50
N ARG B 90 -15.34 -23.25 11.08
CA ARG B 90 -15.13 -24.00 12.30
C ARG B 90 -14.22 -25.16 12.05
N ILE B 91 -14.46 -25.85 10.94
CA ILE B 91 -13.66 -27.03 10.59
C ILE B 91 -12.22 -26.65 10.41
N MET B 92 -12.03 -25.61 9.60
CA MET B 92 -10.71 -25.13 9.31
C MET B 92 -10.04 -24.62 10.58
N ALA B 93 -10.81 -23.94 11.45
CA ALA B 93 -10.20 -23.40 12.66
C ALA B 93 -9.68 -24.54 13.54
N TRP B 94 -10.50 -25.58 13.71
CA TRP B 94 -10.11 -26.76 14.51
C TRP B 94 -9.00 -27.55 13.83
N THR B 95 -8.96 -27.57 12.51
CA THR B 95 -7.86 -28.29 11.78
C THR B 95 -6.54 -27.70 12.15
N VAL B 96 -6.49 -26.37 12.17
CA VAL B 96 -5.28 -25.61 12.53
C VAL B 96 -4.88 -25.78 14.02
N VAL B 97 -5.88 -25.77 14.92
CA VAL B 97 -5.58 -26.03 16.35
C VAL B 97 -4.91 -27.40 16.50
N ASN B 98 -5.49 -28.41 15.86
CA ASN B 98 -5.00 -29.82 15.94
C ASN B 98 -3.55 -29.90 15.44
N SER B 99 -3.33 -29.25 14.32
CA SER B 99 -2.01 -29.20 13.73
C SER B 99 -1.00 -28.49 14.64
N ILE B 100 -1.39 -27.42 15.31
CA ILE B 100 -0.52 -26.79 16.32
C ILE B 100 -0.26 -27.70 17.51
N CYS B 101 -1.29 -28.37 17.99
CA CYS B 101 -1.13 -29.31 19.13
C CYS B 101 -0.16 -30.46 18.78
N ASN B 102 -0.31 -31.04 17.59
CA ASN B 102 0.60 -32.11 17.13
C ASN B 102 2.03 -31.66 17.08
N THR B 103 2.25 -30.43 16.63
CA THR B 103 3.59 -29.88 16.55
C THR B 103 4.20 -29.59 17.92
N THR B 104 3.51 -28.80 18.72
CA THR B 104 4.15 -28.29 19.93
C THR B 104 3.90 -29.15 21.15
N GLY B 105 2.98 -30.10 21.07
CA GLY B 105 2.50 -30.81 22.27
C GLY B 105 1.72 -29.93 23.24
N VAL B 106 1.26 -28.76 22.80
CA VAL B 106 0.48 -27.93 23.71
C VAL B 106 -0.91 -28.58 23.92
N GLU B 107 -1.41 -28.48 25.15
CA GLU B 107 -2.72 -29.02 25.46
C GLU B 107 -3.76 -28.38 24.57
N LYS B 108 -4.75 -29.17 24.13
CA LYS B 108 -5.78 -28.69 23.24
C LYS B 108 -6.82 -27.93 24.06
N PRO B 109 -7.21 -26.71 23.62
CA PRO B 109 -8.26 -25.94 24.34
C PRO B 109 -9.61 -26.51 23.97
N LYS B 110 -10.59 -26.36 24.83
CA LYS B 110 -11.93 -26.85 24.58
C LYS B 110 -12.80 -25.90 23.77
N PHE B 111 -12.48 -24.61 23.77
CA PHE B 111 -13.16 -23.62 22.94
C PHE B 111 -12.15 -23.05 21.94
N LEU B 112 -12.58 -22.63 20.77
CA LEU B 112 -11.65 -22.02 19.82
C LEU B 112 -11.05 -20.71 20.31
N PRO B 113 -9.71 -20.61 20.31
CA PRO B 113 -9.05 -19.32 20.57
C PRO B 113 -8.88 -18.50 19.27
N ASP B 114 -8.15 -17.39 19.34
CA ASP B 114 -8.02 -16.45 18.24
C ASP B 114 -6.62 -16.54 17.61
N LEU B 115 -5.59 -16.79 18.42
CA LEU B 115 -4.22 -16.85 17.97
C LEU B 115 -3.45 -17.92 18.74
N TYR B 116 -2.32 -18.36 18.18
CA TYR B 116 -1.33 -19.20 18.90
C TYR B 116 0.00 -18.49 18.84
N ASP B 117 0.67 -18.39 19.96
CA ASP B 117 1.96 -17.71 20.03
C ASP B 117 3.03 -18.79 20.01
N TYR B 118 3.86 -18.88 18.95
CA TYR B 118 4.99 -19.83 18.91
C TYR B 118 6.16 -19.44 19.78
N LYS B 119 6.20 -18.24 20.33
CA LYS B 119 7.28 -17.89 21.25
C LYS B 119 6.93 -18.26 22.69
N GLU B 120 5.81 -17.75 23.19
CA GLU B 120 5.40 -18.08 24.56
C GLU B 120 4.75 -19.48 24.57
N ASN B 121 4.46 -20.06 23.41
CA ASN B 121 3.77 -21.36 23.35
C ASN B 121 2.40 -21.47 24.04
N ARG B 122 1.52 -20.55 23.73
CA ARG B 122 0.19 -20.56 24.32
C ARG B 122 -0.81 -20.06 23.32
N PHE B 123 -2.04 -20.54 23.45
CA PHE B 123 -3.16 -20.02 22.76
C PHE B 123 -3.58 -18.68 23.36
N ILE B 124 -4.19 -17.83 22.51
CA ILE B 124 -4.64 -16.53 22.95
C ILE B 124 -6.09 -16.26 22.56
N GLU B 125 -6.85 -15.79 23.55
CA GLU B 125 -8.13 -15.21 23.33
C GLU B 125 -8.01 -13.66 23.31
N ILE B 126 -8.38 -13.05 22.18
CA ILE B 126 -8.47 -11.61 21.98
C ILE B 126 -9.92 -11.19 22.23
N GLY B 127 -10.09 -10.29 23.18
CA GLY B 127 -11.38 -9.67 23.48
C GLY B 127 -11.42 -8.21 23.06
N VAL B 128 -12.56 -7.79 22.53
CA VAL B 128 -12.76 -6.40 22.21
C VAL B 128 -14.15 -5.97 22.67
N THR B 129 -14.17 -4.83 23.37
CA THR B 129 -15.39 -4.39 24.04
C THR B 129 -15.55 -2.86 24.04
N ARG B 130 -16.81 -2.43 23.93
CA ARG B 130 -17.24 -1.02 24.10
C ARG B 130 -17.56 -0.77 25.60
N ARG B 131 -17.52 -1.83 26.40
CA ARG B 131 -17.67 -1.67 27.85
C ARG B 131 -16.30 -1.39 28.47
N GLU B 132 -16.24 -1.48 29.79
CA GLU B 132 -15.07 -1.28 30.58
C GLU B 132 -14.22 -2.55 30.48
N VAL B 133 -12.90 -2.40 30.40
CA VAL B 133 -12.01 -3.53 30.08
C VAL B 133 -11.90 -4.60 31.20
N HIS B 134 -11.74 -4.15 32.44
CA HIS B 134 -11.67 -5.06 33.57
C HIS B 134 -12.87 -5.96 33.69
N ILE B 135 -14.07 -5.39 33.68
CA ILE B 135 -15.27 -6.21 33.90
C ILE B 135 -15.43 -7.24 32.79
N TYR B 136 -15.17 -6.81 31.56
CA TYR B 136 -15.21 -7.74 30.46
C TYR B 136 -14.13 -8.82 30.61
N TYR B 137 -12.92 -8.43 30.96
CA TYR B 137 -11.88 -9.41 31.18
C TYR B 137 -12.40 -10.54 32.06
N LEU B 138 -13.02 -10.15 33.19
CA LEU B 138 -13.55 -11.10 34.20
C LEU B 138 -14.63 -12.02 33.65
N GLU B 139 -15.49 -11.51 32.78
CA GLU B 139 -16.52 -12.38 32.19
C GLU B 139 -15.92 -13.39 31.20
N LYS B 140 -14.83 -13.00 30.53
CA LYS B 140 -14.12 -13.95 29.65
C LYS B 140 -13.31 -14.96 30.47
N ALA B 141 -12.62 -14.49 31.52
CA ALA B 141 -11.86 -15.41 32.36
C ALA B 141 -12.76 -16.44 33.07
N ASN B 142 -13.99 -16.06 33.39
CA ASN B 142 -14.94 -17.03 33.94
C ASN B 142 -15.47 -17.99 32.87
N LYS B 143 -15.54 -17.52 31.64
CA LYS B 143 -16.17 -18.27 30.56
C LYS B 143 -15.21 -19.36 30.07
N ILE B 144 -13.91 -19.19 30.28
CA ILE B 144 -12.93 -20.24 29.97
C ILE B 144 -12.03 -20.56 31.16
N LYS B 148 -5.23 -21.53 31.23
CA LYS B 148 -4.72 -22.14 29.99
C LYS B 148 -4.59 -21.21 28.75
N THR B 149 -5.68 -20.95 28.02
CA THR B 149 -5.68 -19.91 26.98
C THR B 149 -5.40 -18.55 27.64
N HIS B 150 -4.39 -17.83 27.17
CA HIS B 150 -4.07 -16.48 27.65
C HIS B 150 -5.11 -15.53 27.08
N ILE B 151 -5.53 -14.53 27.87
CA ILE B 151 -6.61 -13.60 27.49
C ILE B 151 -6.07 -12.19 27.33
N HIS B 152 -6.37 -11.51 26.22
CA HIS B 152 -5.92 -10.14 26.04
C HIS B 152 -7.10 -9.39 25.53
N ILE B 153 -7.48 -8.33 26.25
CA ILE B 153 -8.71 -7.58 26.00
C ILE B 153 -8.32 -6.14 25.67
N PHE B 154 -8.90 -5.59 24.61
CA PHE B 154 -8.80 -4.17 24.29
C PHE B 154 -10.18 -3.51 24.33
N SER B 155 -10.21 -2.27 24.81
CA SER B 155 -11.45 -1.47 24.82
C SER B 155 -11.35 -0.36 23.81
N PHE B 156 -12.49 0.23 23.47
CA PHE B 156 -12.51 1.37 22.55
C PHE B 156 -12.07 2.66 23.22
N THR B 157 -11.89 2.66 24.53
CA THR B 157 -11.35 3.87 25.17
C THR B 157 -9.84 3.86 25.28
N GLY B 158 -9.14 2.96 24.58
CA GLY B 158 -7.66 2.96 24.59
C GLY B 158 -7.04 2.08 25.65
N GLU B 159 -7.85 1.31 26.36
CA GLU B 159 -7.30 0.44 27.39
C GLU B 159 -7.18 -1.02 27.01
N GLU B 160 -6.39 -1.72 27.81
CA GLU B 160 -6.24 -3.12 27.67
C GLU B 160 -6.11 -3.81 29.05
N MET B 161 -6.38 -5.10 29.09
CA MET B 161 -6.08 -5.94 30.21
C MET B 161 -5.69 -7.38 29.75
N ALA B 162 -4.61 -7.92 30.31
CA ALA B 162 -4.14 -9.26 29.92
C ALA B 162 -3.89 -10.13 31.12
N THR B 163 -4.00 -11.43 30.89
CA THR B 163 -3.70 -12.43 31.89
C THR B 163 -2.35 -12.21 32.58
N LYS B 164 -2.40 -12.14 33.91
CA LYS B 164 -1.21 -12.03 34.79
C LYS B 164 -0.37 -10.77 34.59
N ALA B 165 -0.95 -9.75 33.97
CA ALA B 165 -0.22 -8.52 33.63
C ALA B 165 0.91 -8.86 32.66
N ASP B 166 0.68 -9.93 31.92
CA ASP B 166 1.57 -10.38 30.90
C ASP B 166 0.96 -9.92 29.55
N TYR B 167 1.57 -8.89 28.96
CA TYR B 167 1.00 -8.21 27.80
C TYR B 167 1.44 -8.80 26.43
N THR B 168 2.36 -9.78 26.44
CA THR B 168 2.78 -10.53 25.24
C THR B 168 3.59 -9.64 24.33
N LEU B 169 3.00 -8.60 23.77
CA LEU B 169 3.72 -7.74 22.80
C LEU B 169 4.41 -6.51 23.43
N ASP B 170 5.33 -5.93 22.67
CA ASP B 170 5.99 -4.67 23.02
C ASP B 170 4.94 -3.57 23.11
N GLU B 171 5.25 -2.51 23.87
CA GLU B 171 4.34 -1.36 24.01
C GLU B 171 3.89 -0.70 22.72
N GLU B 172 4.79 -0.57 21.75
CA GLU B 172 4.48 0.04 20.47
C GLU B 172 3.40 -0.73 19.68
N SER B 173 3.48 -2.06 19.64
CA SER B 173 2.47 -2.82 18.91
C SER B 173 1.11 -2.59 19.55
N ARG B 174 1.05 -2.71 20.86
CA ARG B 174 -0.18 -2.44 21.58
C ARG B 174 -0.67 -0.98 21.45
N ALA B 175 0.22 0.01 21.37
CA ALA B 175 -0.22 1.41 21.12
C ALA B 175 -0.88 1.51 19.76
N ARG B 176 -0.36 0.79 18.76
CA ARG B 176 -1.01 0.74 17.45
C ARG B 176 -2.45 0.27 17.61
N ILE B 177 -2.66 -0.82 18.33
CA ILE B 177 -4.02 -1.35 18.41
C ILE B 177 -4.92 -0.43 19.25
N LYS B 178 -4.43 0.03 20.40
CA LYS B 178 -5.21 0.91 21.29
C LYS B 178 -5.62 2.20 20.59
N THR B 179 -4.75 2.76 19.80
CA THR B 179 -5.05 3.98 19.03
C THR B 179 -6.02 3.78 17.89
N ARG B 180 -5.92 2.63 17.21
CA ARG B 180 -6.88 2.31 16.19
C ARG B 180 -8.29 2.27 16.80
N LEU B 181 -8.40 1.55 17.90
CA LEU B 181 -9.69 1.46 18.58
C LEU B 181 -10.18 2.84 19.09
N PHE B 182 -9.29 3.62 19.70
CA PHE B 182 -9.65 4.96 20.17
C PHE B 182 -10.20 5.73 18.98
N THR B 183 -9.49 5.66 17.87
CA THR B 183 -9.88 6.42 16.69
C THR B 183 -11.24 5.99 16.14
N ILE B 184 -11.44 4.69 15.98
CA ILE B 184 -12.75 4.21 15.49
C ILE B 184 -13.87 4.82 16.33
N ARG B 185 -13.74 4.79 17.65
CA ARG B 185 -14.73 5.42 18.54
C ARG B 185 -14.93 6.91 18.27
N GLN B 186 -13.85 7.70 18.25
CA GLN B 186 -13.94 9.14 17.91
C GLN B 186 -14.72 9.39 16.61
N GLU B 187 -14.42 8.59 15.60
CA GLU B 187 -15.06 8.72 14.28
C GLU B 187 -16.56 8.41 14.36
N MET B 188 -16.91 7.44 15.19
CA MET B 188 -18.31 7.09 15.36
C MET B 188 -19.00 8.17 16.20
N ALA B 189 -18.31 8.63 17.23
CA ALA B 189 -18.84 9.68 18.07
C ALA B 189 -19.16 10.90 17.24
N SER B 190 -18.41 11.11 16.16
CA SER B 190 -18.55 12.30 15.32
C SER B 190 -19.79 12.18 14.49
N ARG B 191 -20.15 10.94 14.17
CA ARG B 191 -21.27 10.69 13.31
C ARG B 191 -22.52 10.35 14.10
N SER B 192 -22.46 10.58 15.41
CA SER B 192 -23.53 10.20 16.32
C SER B 192 -23.92 8.68 16.21
N LEU B 193 -22.91 7.82 16.06
CA LEU B 193 -23.12 6.37 16.06
C LEU B 193 -22.56 5.67 17.32
N TRP B 194 -21.74 6.35 18.10
CA TRP B 194 -21.04 5.70 19.20
C TRP B 194 -21.98 5.20 20.29
N ASP B 195 -22.89 6.07 20.71
CA ASP B 195 -23.85 5.72 21.76
C ASP B 195 -24.63 4.47 21.42
N SER B 196 -25.12 4.41 20.19
CA SER B 196 -25.92 3.30 19.75
C SER B 196 -25.04 2.03 19.65
N PHE B 197 -23.86 2.13 19.07
CA PHE B 197 -22.91 1.01 19.01
C PHE B 197 -22.55 0.51 20.40
N ARG B 198 -22.25 1.42 21.33
CA ARG B 198 -21.87 1.03 22.69
C ARG B 198 -22.97 0.34 23.47
N GLN B 199 -24.15 0.98 23.50
CA GLN B 199 -25.34 0.48 24.21
C GLN B 199 -25.85 -0.86 23.69
N SER B 200 -25.58 -1.15 22.42
CA SER B 200 -25.94 -2.42 21.84
C SER B 200 -25.18 -3.63 22.37
N GLU B 201 -24.03 -3.41 23.02
CA GLU B 201 -23.25 -4.54 23.48
C GLU B 201 -23.89 -5.10 24.76
N ARG B 202 -24.11 -6.42 24.77
CA ARG B 202 -24.59 -7.12 25.96
C ARG B 202 -23.80 -6.80 27.25
N GLY B 203 -24.50 -6.51 28.35
CA GLY B 203 -23.88 -6.14 29.63
C GLY B 203 -23.85 -4.64 29.82
N MET C 5 38.86 -11.63 -6.74
CA MET C 5 37.60 -10.83 -6.48
C MET C 5 36.57 -10.87 -7.64
N ALA C 6 36.94 -11.57 -8.70
CA ALA C 6 36.12 -11.75 -9.89
C ALA C 6 34.83 -12.49 -9.60
N MET C 7 34.95 -13.72 -9.11
CA MET C 7 33.76 -14.47 -8.72
C MET C 7 33.05 -13.78 -7.54
N GLU C 8 33.81 -13.24 -6.59
CA GLU C 8 33.20 -12.54 -5.48
C GLU C 8 32.35 -11.37 -5.97
N ASP C 9 32.87 -10.59 -6.94
CA ASP C 9 32.06 -9.54 -7.57
C ASP C 9 30.85 -10.17 -8.25
N PHE C 10 31.04 -11.25 -8.95
CA PHE C 10 29.85 -11.83 -9.61
C PHE C 10 28.81 -12.17 -8.56
N VAL C 11 29.26 -12.81 -7.49
CA VAL C 11 28.32 -13.32 -6.50
C VAL C 11 27.55 -12.16 -5.84
N ARG C 12 28.26 -11.15 -5.38
CA ARG C 12 27.58 -10.07 -4.71
C ARG C 12 26.75 -9.24 -5.64
N GLN C 13 27.12 -9.19 -6.92
CA GLN C 13 26.39 -8.29 -7.84
C GLN C 13 25.10 -8.92 -8.28
N CYS C 14 25.11 -10.24 -8.36
CA CYS C 14 24.01 -10.98 -8.95
C CYS C 14 23.09 -11.74 -8.01
N PHE C 15 23.47 -11.93 -6.73
CA PHE C 15 22.58 -12.55 -5.72
C PHE C 15 22.12 -11.59 -4.59
N ASN C 16 20.88 -11.75 -4.12
CA ASN C 16 20.40 -11.13 -2.88
C ASN C 16 21.51 -11.23 -1.82
N PRO C 17 21.85 -10.08 -1.18
CA PRO C 17 22.86 -10.15 -0.13
C PRO C 17 22.41 -11.08 1.02
N MET C 18 21.12 -11.30 1.13
CA MET C 18 20.61 -12.34 2.00
C MET C 18 21.16 -13.75 1.63
N ILE C 19 21.20 -14.10 0.34
CA ILE C 19 21.77 -15.38 -0.12
C ILE C 19 23.27 -15.43 0.18
N VAL C 20 23.94 -14.33 -0.10
CA VAL C 20 25.38 -14.26 -0.02
C VAL C 20 25.84 -14.42 1.43
N GLU C 21 25.10 -13.83 2.36
CA GLU C 21 25.41 -13.98 3.77
C GLU C 21 25.22 -15.43 4.29
N LEU C 22 24.11 -16.07 3.93
CA LEU C 22 23.89 -17.50 4.26
C LEU C 22 24.96 -18.44 3.68
N ALA C 23 25.31 -18.26 2.41
CA ALA C 23 26.38 -19.02 1.77
C ALA C 23 27.72 -18.77 2.43
N GLU C 24 28.04 -17.49 2.66
CA GLU C 24 29.28 -17.16 3.39
C GLU C 24 29.29 -17.82 4.79
N LYS C 25 28.17 -17.79 5.46
CA LYS C 25 28.08 -18.31 6.81
C LYS C 25 28.25 -19.84 6.84
N ALA C 26 27.60 -20.49 5.90
CA ALA C 26 27.65 -21.93 5.77
C ALA C 26 29.06 -22.40 5.46
N MET C 27 29.74 -21.68 4.58
CA MET C 27 31.13 -21.96 4.26
C MET C 27 32.01 -21.82 5.50
N LYS C 28 31.88 -20.71 6.22
CA LYS C 28 32.68 -20.43 7.44
C LYS C 28 32.60 -21.54 8.50
N GLU C 29 31.38 -21.93 8.82
CA GLU C 29 31.09 -22.96 9.80
C GLU C 29 31.81 -24.28 9.51
N TYR C 30 31.97 -24.64 8.24
CA TYR C 30 32.68 -25.88 7.89
C TYR C 30 34.14 -25.67 7.44
N GLY C 31 34.68 -24.51 7.79
CA GLY C 31 36.12 -24.30 7.64
C GLY C 31 36.58 -23.81 6.30
N GLU C 32 35.64 -23.42 5.46
CA GLU C 32 35.92 -23.04 4.09
C GLU C 32 35.93 -21.52 4.00
N ASP C 33 36.68 -21.00 3.03
CA ASP C 33 36.88 -19.57 2.86
C ASP C 33 36.34 -19.13 1.49
N PRO C 34 35.24 -18.37 1.48
CA PRO C 34 34.60 -17.92 0.26
C PRO C 34 35.52 -17.31 -0.83
N LYS C 35 36.65 -16.74 -0.42
CA LYS C 35 37.61 -16.12 -1.36
C LYS C 35 38.56 -17.12 -1.99
N ILE C 36 38.72 -18.29 -1.38
CA ILE C 36 39.62 -19.30 -1.93
C ILE C 36 38.85 -20.30 -2.78
N GLU C 37 37.76 -20.84 -2.21
CA GLU C 37 36.92 -21.77 -2.94
C GLU C 37 35.73 -21.03 -3.55
N THR C 38 36.03 -20.30 -4.61
CA THR C 38 35.08 -19.37 -5.17
C THR C 38 34.03 -20.09 -6.01
N ASN C 39 34.33 -21.25 -6.57
CA ASN C 39 33.30 -21.98 -7.37
C ASN C 39 32.31 -22.62 -6.41
N LYS C 40 32.83 -23.17 -5.32
CA LYS C 40 31.98 -23.66 -4.24
C LYS C 40 31.07 -22.51 -3.76
N PHE C 41 31.63 -21.31 -3.61
CA PHE C 41 30.89 -20.13 -3.16
C PHE C 41 29.71 -19.93 -4.10
N ALA C 42 29.98 -19.85 -5.41
CA ALA C 42 28.91 -19.62 -6.41
C ALA C 42 27.87 -20.71 -6.40
N ALA C 43 28.31 -21.95 -6.23
CA ALA C 43 27.42 -23.08 -6.36
C ALA C 43 26.45 -23.11 -5.15
N ILE C 44 26.96 -22.79 -3.97
CA ILE C 44 26.11 -22.78 -2.80
C ILE C 44 25.09 -21.65 -3.01
N CYS C 45 25.51 -20.55 -3.63
CA CYS C 45 24.64 -19.41 -3.84
C CYS C 45 23.53 -19.73 -4.81
N THR C 46 23.90 -20.36 -5.93
CA THR C 46 22.94 -20.83 -6.91
C THR C 46 21.93 -21.80 -6.33
N HIS C 47 22.36 -22.75 -5.53
CA HIS C 47 21.39 -23.75 -5.00
C HIS C 47 20.43 -23.13 -4.03
N LEU C 48 20.95 -22.33 -3.13
CA LEU C 48 20.10 -21.53 -2.23
C LEU C 48 19.01 -20.81 -3.02
N GLU C 49 19.41 -20.21 -4.15
CA GLU C 49 18.53 -19.30 -4.93
C GLU C 49 17.37 -20.07 -5.54
N VAL C 50 17.68 -21.24 -6.11
CA VAL C 50 16.67 -22.10 -6.65
C VAL C 50 15.70 -22.58 -5.59
N CYS C 51 16.20 -23.00 -4.43
CA CYS C 51 15.29 -23.40 -3.31
C CYS C 51 14.34 -22.24 -2.93
N PHE C 52 14.83 -21.00 -2.90
CA PHE C 52 13.93 -19.87 -2.61
C PHE C 52 12.97 -19.53 -3.73
N MET C 53 13.44 -19.58 -4.98
CA MET C 53 12.54 -19.33 -6.13
C MET C 53 11.46 -20.40 -6.25
N TYR C 54 11.86 -21.65 -5.98
CA TYR C 54 10.96 -22.80 -5.98
C TYR C 54 9.81 -22.61 -5.01
N SER C 55 10.09 -22.01 -3.87
CA SER C 55 8.98 -21.76 -2.93
C SER C 55 8.23 -20.46 -3.22
N ASP C 56 8.88 -19.47 -3.83
CA ASP C 56 8.28 -18.13 -4.00
C ASP C 56 6.85 -18.16 -4.52
N PHE C 57 5.94 -17.48 -3.83
CA PHE C 57 4.60 -17.12 -4.40
C PHE C 57 3.53 -18.21 -4.31
N HIS C 58 3.83 -19.39 -3.77
CA HIS C 58 2.85 -20.50 -3.76
C HIS C 58 2.20 -20.65 -2.41
N PHE C 59 0.86 -20.68 -2.37
CA PHE C 59 0.13 -20.84 -1.08
C PHE C 59 -1.00 -21.85 -1.19
N ILE C 60 -1.58 -22.19 -0.04
CA ILE C 60 -2.76 -23.07 0.00
C ILE C 60 -3.96 -22.37 0.64
N SER C 66 -4.26 -24.98 -3.51
CA SER C 66 -2.98 -24.45 -4.02
C SER C 66 -3.20 -23.28 -4.92
N ILE C 67 -2.63 -22.12 -4.54
CA ILE C 67 -2.79 -20.89 -5.31
C ILE C 67 -1.49 -20.08 -5.44
N ILE C 68 -1.42 -19.28 -6.51
CA ILE C 68 -0.25 -18.47 -6.79
C ILE C 68 -0.60 -17.01 -6.52
N VAL C 69 0.19 -16.37 -5.67
CA VAL C 69 -0.07 -15.00 -5.24
C VAL C 69 1.14 -14.13 -5.53
N ASN C 75 -2.59 -12.16 1.66
CA ASN C 75 -3.68 -12.25 2.62
C ASN C 75 -3.25 -13.09 3.85
N ALA C 76 -3.25 -12.43 5.00
CA ALA C 76 -2.80 -12.96 6.30
C ALA C 76 -3.23 -14.41 6.67
N LEU C 77 -4.36 -14.89 6.18
CA LEU C 77 -4.81 -16.27 6.51
C LEU C 77 -4.12 -17.42 5.74
N LEU C 78 -3.31 -17.08 4.73
CA LEU C 78 -2.82 -18.08 3.79
C LEU C 78 -1.61 -18.87 4.27
N LYS C 79 -1.60 -20.16 3.92
CA LYS C 79 -0.51 -21.07 4.22
C LYS C 79 0.50 -21.15 3.06
N HIS C 80 1.77 -20.91 3.39
CA HIS C 80 2.90 -21.18 2.49
C HIS C 80 2.78 -22.59 2.02
N ARG C 81 2.84 -22.83 0.72
CA ARG C 81 2.79 -24.18 0.22
C ARG C 81 4.02 -24.99 0.63
N PHE C 82 5.18 -24.34 0.71
CA PHE C 82 6.48 -25.03 1.03
C PHE C 82 7.13 -24.55 2.30
N GLU C 83 7.75 -25.46 3.04
CA GLU C 83 8.71 -25.04 4.08
C GLU C 83 10.05 -25.11 3.46
N ILE C 84 10.94 -24.20 3.86
CA ILE C 84 12.31 -24.31 3.44
C ILE C 84 13.12 -24.90 4.57
N ILE C 85 13.85 -25.97 4.25
CA ILE C 85 14.82 -26.63 5.11
C ILE C 85 16.27 -26.25 4.82
N GLU C 86 16.60 -26.18 3.52
CA GLU C 86 17.89 -25.69 3.12
C GLU C 86 18.06 -24.29 3.65
N GLY C 87 19.30 -23.91 3.97
CA GLY C 87 19.59 -22.59 4.48
C GLY C 87 19.72 -22.50 5.99
N ARG C 88 19.26 -23.54 6.70
CA ARG C 88 19.26 -23.58 8.17
C ARG C 88 20.45 -24.37 8.65
N ASP C 89 20.92 -24.15 9.87
CA ASP C 89 22.01 -25.01 10.28
C ASP C 89 21.38 -26.37 10.57
N ARG C 90 22.22 -27.37 10.81
CA ARG C 90 21.80 -28.80 11.06
C ARG C 90 20.68 -29.05 12.06
N ILE C 91 20.92 -28.58 13.26
CA ILE C 91 19.96 -28.57 14.36
C ILE C 91 18.66 -28.01 13.89
N MET C 92 18.69 -26.78 13.39
CA MET C 92 17.45 -26.10 13.02
C MET C 92 16.77 -26.83 11.91
N ALA C 93 17.57 -27.32 10.97
CA ALA C 93 17.03 -28.06 9.81
C ALA C 93 16.30 -29.28 10.30
N TRP C 94 16.97 -30.05 11.13
CA TRP C 94 16.31 -31.24 11.77
C TRP C 94 15.14 -30.86 12.66
N THR C 95 15.25 -29.75 13.39
CA THR C 95 14.11 -29.18 14.15
C THR C 95 12.91 -28.97 13.26
N VAL C 96 13.14 -28.40 12.06
CA VAL C 96 11.99 -28.14 11.16
C VAL C 96 11.38 -29.43 10.60
N VAL C 97 12.25 -30.38 10.25
CA VAL C 97 11.78 -31.68 9.73
C VAL C 97 10.98 -32.43 10.80
N ASN C 98 11.51 -32.57 12.02
CA ASN C 98 10.73 -33.18 13.14
C ASN C 98 9.31 -32.55 13.28
N SER C 99 9.26 -31.23 13.26
CA SER C 99 8.00 -30.53 13.42
C SER C 99 7.02 -30.87 12.27
N ILE C 100 7.54 -30.96 11.05
CA ILE C 100 6.72 -31.33 9.89
C ILE C 100 6.23 -32.78 10.04
N CYS C 101 7.10 -33.65 10.51
CA CYS C 101 6.70 -35.06 10.68
C CYS C 101 5.61 -35.21 11.75
N ASN C 102 5.73 -34.44 12.83
CA ASN C 102 4.70 -34.41 13.88
C ASN C 102 3.36 -33.92 13.39
N THR C 103 3.34 -32.88 12.55
CA THR C 103 2.11 -32.31 12.02
C THR C 103 1.36 -33.21 11.03
N THR C 104 2.10 -33.79 10.11
CA THR C 104 1.53 -34.43 8.94
C THR C 104 1.61 -35.95 9.00
N GLY C 105 2.51 -36.51 9.79
CA GLY C 105 2.61 -37.99 9.88
C GLY C 105 3.49 -38.64 8.79
N VAL C 106 4.01 -37.80 7.91
CA VAL C 106 4.92 -38.26 6.91
C VAL C 106 6.19 -38.81 7.55
N GLU C 107 6.70 -39.84 6.92
CA GLU C 107 7.87 -40.56 7.36
C GLU C 107 9.12 -39.65 7.43
N LYS C 108 9.87 -39.74 8.52
CA LYS C 108 11.06 -38.91 8.68
C LYS C 108 12.15 -39.31 7.67
N PRO C 109 12.66 -38.37 6.86
CA PRO C 109 13.70 -38.84 5.95
C PRO C 109 15.03 -39.06 6.69
N LYS C 110 15.88 -39.91 6.14
CA LYS C 110 17.15 -40.20 6.78
C LYS C 110 18.24 -39.18 6.46
N PHE C 111 18.12 -38.46 5.34
CA PHE C 111 19.03 -37.35 4.98
C PHE C 111 18.22 -36.06 4.90
N LEU C 112 18.87 -34.91 5.13
CA LEU C 112 18.19 -33.61 5.10
C LEU C 112 17.83 -33.25 3.67
N PRO C 113 16.55 -33.11 3.37
CA PRO C 113 16.04 -32.61 2.08
C PRO C 113 16.10 -31.09 2.01
N ASP C 114 15.52 -30.49 0.97
CA ASP C 114 15.57 -29.03 0.81
C ASP C 114 14.30 -28.27 1.09
N LEU C 115 13.16 -28.87 0.76
CA LEU C 115 11.83 -28.28 0.95
C LEU C 115 10.90 -29.35 1.50
N TYR C 116 9.72 -28.95 1.98
CA TYR C 116 8.56 -29.85 2.17
C TYR C 116 7.34 -29.25 1.49
N ASP C 117 6.54 -30.09 0.83
CA ASP C 117 5.43 -29.61 0.02
C ASP C 117 4.16 -30.01 0.79
N TYR C 118 3.51 -29.02 1.43
CA TYR C 118 2.27 -29.29 2.16
C TYR C 118 1.12 -29.67 1.24
N LYS C 119 1.18 -29.47 -0.06
CA LYS C 119 0.07 -29.97 -0.89
C LYS C 119 0.25 -31.43 -1.25
N GLU C 120 1.40 -31.78 -1.82
CA GLU C 120 1.66 -33.20 -2.15
C GLU C 120 2.11 -34.00 -0.91
N ASN C 121 2.35 -33.29 0.20
CA ASN C 121 2.85 -33.89 1.43
C ASN C 121 4.08 -34.74 1.25
N ARG C 122 5.15 -34.15 0.72
CA ARG C 122 6.39 -34.90 0.53
C ARG C 122 7.58 -33.97 0.71
N PHE C 123 8.73 -34.53 1.07
CA PHE C 123 9.97 -33.79 0.99
C PHE C 123 10.51 -33.74 -0.46
N ILE C 124 11.32 -32.70 -0.71
CA ILE C 124 11.91 -32.45 -2.02
C ILE C 124 13.40 -32.25 -1.84
N GLU C 125 14.20 -33.05 -2.53
CA GLU C 125 15.59 -32.73 -2.76
C GLU C 125 15.66 -32.01 -4.09
N ILE C 126 16.23 -30.81 -4.06
CA ILE C 126 16.48 -29.96 -5.21
C ILE C 126 17.96 -30.14 -5.49
N GLY C 127 18.29 -30.43 -6.77
CA GLY C 127 19.67 -30.44 -7.26
C GLY C 127 19.87 -29.41 -8.36
N VAL C 128 21.05 -28.78 -8.40
CA VAL C 128 21.43 -27.88 -9.48
C VAL C 128 22.79 -28.35 -10.01
N THR C 129 22.94 -28.45 -11.32
CA THR C 129 24.16 -29.00 -11.84
C THR C 129 24.64 -28.34 -13.12
N ARG C 130 25.95 -28.36 -13.28
CA ARG C 130 26.61 -27.83 -14.46
C ARG C 130 26.97 -29.00 -15.39
N ARG C 131 26.55 -30.21 -14.99
CA ARG C 131 26.73 -31.44 -15.75
C ARG C 131 25.43 -31.78 -16.44
N GLU C 132 25.26 -33.03 -16.85
CA GLU C 132 24.07 -33.39 -17.56
C GLU C 132 22.99 -33.79 -16.56
N VAL C 133 21.75 -33.42 -16.85
CA VAL C 133 20.69 -33.55 -15.87
C VAL C 133 20.27 -35.02 -15.59
N HIS C 134 20.22 -35.85 -16.63
CA HIS C 134 19.83 -37.22 -16.43
C HIS C 134 20.79 -37.92 -15.54
N ILE C 135 22.08 -37.71 -15.76
CA ILE C 135 23.09 -38.45 -15.04
C ILE C 135 23.18 -37.97 -13.58
N TYR C 136 23.14 -36.67 -13.34
CA TYR C 136 23.04 -36.16 -11.98
C TYR C 136 21.81 -36.67 -11.21
N TYR C 137 20.65 -36.73 -11.87
CA TYR C 137 19.44 -37.25 -11.23
C TYR C 137 19.71 -38.67 -10.73
N LEU C 138 20.29 -39.49 -11.58
CA LEU C 138 20.57 -40.87 -11.23
C LEU C 138 21.52 -40.97 -10.09
N GLU C 139 22.57 -40.16 -10.06
CA GLU C 139 23.44 -40.19 -8.87
C GLU C 139 22.68 -39.80 -7.57
N LYS C 140 21.79 -38.81 -7.65
CA LYS C 140 21.06 -38.41 -6.45
C LYS C 140 20.06 -39.52 -6.08
N ALA C 141 19.48 -40.16 -7.09
CA ALA C 141 18.53 -41.25 -6.85
C ALA C 141 19.18 -42.45 -6.15
N ASN C 142 20.40 -42.79 -6.52
CA ASN C 142 21.14 -43.87 -5.86
C ASN C 142 21.58 -43.47 -4.43
N LYS C 143 21.86 -42.19 -4.20
CA LYS C 143 22.42 -41.79 -2.90
C LYS C 143 21.37 -41.75 -1.80
N ILE C 144 20.08 -41.87 -2.17
CA ILE C 144 18.93 -41.78 -1.27
C ILE C 144 18.08 -43.06 -1.29
N LYS C 148 10.41 -42.04 -1.59
CA LYS C 148 10.04 -41.15 -0.47
C LYS C 148 10.35 -39.67 -0.72
N THR C 149 11.59 -39.26 -0.61
CA THR C 149 11.95 -37.90 -0.97
C THR C 149 11.92 -37.70 -2.49
N HIS C 150 11.05 -36.80 -2.94
CA HIS C 150 10.91 -36.43 -4.36
C HIS C 150 12.11 -35.63 -4.79
N ILE C 151 12.64 -35.92 -5.98
CA ILE C 151 13.85 -35.24 -6.44
C ILE C 151 13.48 -34.34 -7.61
N HIS C 152 14.13 -33.20 -7.69
CA HIS C 152 13.94 -32.29 -8.81
C HIS C 152 15.26 -31.63 -9.09
N ILE C 153 15.77 -31.84 -10.30
CA ILE C 153 17.08 -31.35 -10.74
C ILE C 153 16.92 -30.29 -11.82
N PHE C 154 17.77 -29.26 -11.77
CA PHE C 154 17.86 -28.23 -12.78
C PHE C 154 19.29 -28.13 -13.26
N SER C 155 19.49 -27.79 -14.53
CA SER C 155 20.82 -27.48 -15.05
C SER C 155 20.89 -26.03 -15.47
N PHE C 156 22.07 -25.58 -15.84
CA PHE C 156 22.25 -24.21 -16.37
C PHE C 156 21.85 -24.01 -17.84
N THR C 157 21.48 -25.09 -18.50
CA THR C 157 21.25 -25.03 -19.92
C THR C 157 19.76 -25.04 -20.21
N GLY C 158 18.93 -25.17 -19.19
CA GLY C 158 17.48 -25.16 -19.37
C GLY C 158 16.78 -26.49 -19.14
N GLU C 159 17.53 -27.53 -18.79
CA GLU C 159 16.92 -28.84 -18.60
C GLU C 159 16.51 -29.01 -17.13
N GLU C 160 15.48 -29.82 -16.90
CA GLU C 160 15.15 -30.32 -15.56
C GLU C 160 14.79 -31.79 -15.63
N MET C 161 14.82 -32.48 -14.51
CA MET C 161 14.30 -33.84 -14.39
C MET C 161 13.76 -34.05 -12.99
N ALA C 162 12.63 -34.71 -12.90
CA ALA C 162 12.00 -34.94 -11.63
C ALA C 162 11.47 -36.34 -11.60
N THR C 163 11.44 -36.87 -10.39
CA THR C 163 10.85 -38.15 -10.11
C THR C 163 9.50 -38.34 -10.74
N LYS C 164 9.41 -39.43 -11.52
CA LYS C 164 8.20 -39.90 -12.20
C LYS C 164 7.62 -38.88 -13.14
N ALA C 165 8.42 -37.96 -13.65
CA ALA C 165 7.89 -36.94 -14.52
C ALA C 165 6.80 -36.12 -13.80
N ASP C 166 6.91 -36.00 -12.48
CA ASP C 166 6.00 -35.22 -11.66
C ASP C 166 6.80 -33.96 -11.29
N TYR C 167 6.50 -32.85 -11.96
CA TYR C 167 7.31 -31.67 -11.86
C TYR C 167 6.86 -30.69 -10.73
N THR C 168 5.84 -31.06 -9.96
CA THR C 168 5.37 -30.33 -8.76
C THR C 168 4.72 -29.02 -9.15
N LEU C 169 5.50 -28.12 -9.73
CA LEU C 169 5.06 -26.75 -10.04
C LEU C 169 4.54 -26.56 -11.45
N ASP C 170 3.83 -25.45 -11.66
CA ASP C 170 3.38 -25.00 -13.00
C ASP C 170 4.57 -24.68 -13.91
N GLU C 171 4.29 -24.45 -15.20
CA GLU C 171 5.40 -24.21 -16.16
C GLU C 171 6.02 -22.83 -16.02
N GLU C 172 5.20 -21.78 -15.94
CA GLU C 172 5.75 -20.45 -15.72
C GLU C 172 6.79 -20.52 -14.60
N SER C 173 6.39 -21.08 -13.46
CA SER C 173 7.27 -21.18 -12.28
C SER C 173 8.59 -21.87 -12.62
N ARG C 174 8.49 -23.07 -13.16
CA ARG C 174 9.67 -23.80 -13.61
C ARG C 174 10.45 -23.04 -14.67
N ALA C 175 9.74 -22.49 -15.65
CA ALA C 175 10.39 -21.67 -16.70
C ALA C 175 11.15 -20.51 -16.08
N ARG C 176 10.64 -19.99 -14.98
CA ARG C 176 11.31 -18.86 -14.32
C ARG C 176 12.66 -19.30 -13.70
N ILE C 177 12.67 -20.46 -13.07
CA ILE C 177 13.92 -21.00 -12.51
C ILE C 177 14.91 -21.29 -13.63
N LYS C 178 14.47 -22.00 -14.67
CA LYS C 178 15.35 -22.33 -15.83
C LYS C 178 15.98 -21.11 -16.49
N THR C 179 15.17 -20.07 -16.66
CA THR C 179 15.66 -18.84 -17.29
C THR C 179 16.65 -18.14 -16.37
N ARG C 180 16.42 -18.23 -15.06
CA ARG C 180 17.32 -17.58 -14.12
C ARG C 180 18.66 -18.28 -14.15
N LEU C 181 18.65 -19.61 -14.16
CA LEU C 181 19.91 -20.34 -14.25
C LEU C 181 20.57 -20.13 -15.62
N PHE C 182 19.77 -20.07 -16.67
CA PHE C 182 20.33 -19.77 -18.02
C PHE C 182 21.11 -18.45 -18.00
N THR C 183 20.52 -17.43 -17.39
CA THR C 183 21.07 -16.08 -17.36
C THR C 183 22.31 -15.97 -16.51
N ILE C 184 22.42 -16.84 -15.49
CA ILE C 184 23.64 -16.93 -14.68
C ILE C 184 24.78 -17.57 -15.47
N ARG C 185 24.46 -18.62 -16.24
CA ARG C 185 25.44 -19.17 -17.18
C ARG C 185 25.98 -18.05 -18.10
N GLN C 186 25.08 -17.44 -18.88
CA GLN C 186 25.45 -16.34 -19.77
C GLN C 186 26.29 -15.27 -19.07
N GLU C 187 25.81 -14.73 -17.96
CA GLU C 187 26.54 -13.66 -17.30
C GLU C 187 27.93 -14.14 -16.83
N MET C 188 28.03 -15.40 -16.38
CA MET C 188 29.32 -15.95 -15.98
C MET C 188 30.21 -16.07 -17.22
N ALA C 189 29.68 -16.58 -18.32
CA ALA C 189 30.47 -16.65 -19.57
C ALA C 189 31.05 -15.27 -19.86
N SER C 190 30.19 -14.29 -20.12
CA SER C 190 30.69 -12.94 -20.48
C SER C 190 31.75 -12.38 -19.48
N ARG C 191 31.79 -12.87 -18.24
CA ARG C 191 32.81 -12.43 -17.29
C ARG C 191 34.03 -13.37 -17.25
N SER C 192 34.14 -14.31 -18.19
CA SER C 192 35.22 -15.32 -18.19
C SER C 192 35.23 -16.24 -16.95
N LEU C 193 34.09 -16.45 -16.34
CA LEU C 193 34.03 -17.27 -15.15
C LEU C 193 33.34 -18.62 -15.38
N TRP C 194 32.80 -18.86 -16.57
CA TRP C 194 31.90 -20.00 -16.74
C TRP C 194 32.63 -21.30 -16.89
N ASP C 195 33.73 -21.29 -17.62
CA ASP C 195 34.48 -22.51 -17.91
C ASP C 195 35.02 -23.21 -16.66
N SER C 196 35.68 -22.44 -15.81
CA SER C 196 36.22 -22.97 -14.57
C SER C 196 35.08 -23.49 -13.70
N PHE C 197 34.00 -22.69 -13.62
CA PHE C 197 32.85 -23.01 -12.78
C PHE C 197 32.19 -24.32 -13.18
N ARG C 198 32.14 -24.61 -14.47
CA ARG C 198 31.60 -25.89 -14.91
C ARG C 198 32.55 -27.05 -14.61
N GLN C 199 33.85 -26.87 -14.88
CA GLN C 199 34.86 -27.95 -14.73
C GLN C 199 35.12 -28.35 -13.27
N SER C 200 34.88 -27.41 -12.39
CA SER C 200 34.98 -27.63 -10.95
C SER C 200 34.04 -28.68 -10.39
N GLU C 201 32.87 -28.86 -11.01
CA GLU C 201 31.86 -29.79 -10.45
C GLU C 201 32.38 -31.21 -10.46
N ARG C 202 32.39 -31.82 -9.27
CA ARG C 202 32.91 -33.15 -9.07
C ARG C 202 31.90 -34.20 -9.49
N GLY C 203 32.84 -35.61 -10.73
CA GLY C 203 32.38 -36.31 -11.95
C GLY C 203 32.67 -35.46 -13.16
N MET D 5 -33.73 17.18 17.62
CA MET D 5 -32.45 16.45 17.34
C MET D 5 -32.54 15.46 16.16
N ALA D 6 -33.73 15.36 15.57
CA ALA D 6 -34.01 14.33 14.59
C ALA D 6 -33.19 14.55 13.31
N MET D 7 -33.39 15.69 12.65
CA MET D 7 -32.65 15.99 11.41
C MET D 7 -31.13 16.11 11.71
N GLU D 8 -30.81 16.58 12.93
CA GLU D 8 -29.40 16.67 13.39
C GLU D 8 -28.77 15.29 13.44
N ASP D 9 -29.49 14.32 14.03
CA ASP D 9 -29.05 12.92 14.04
C ASP D 9 -28.94 12.42 12.62
N PHE D 10 -29.91 12.77 11.78
CA PHE D 10 -29.86 12.33 10.38
C PHE D 10 -28.57 12.81 9.76
N VAL D 11 -28.29 14.10 9.90
CA VAL D 11 -27.17 14.69 9.16
C VAL D 11 -25.83 14.14 9.63
N ARG D 12 -25.61 14.11 10.94
CA ARG D 12 -24.35 13.53 11.44
C ARG D 12 -24.23 12.06 11.13
N GLN D 13 -25.34 11.35 10.95
CA GLN D 13 -25.20 9.92 10.73
C GLN D 13 -24.85 9.57 9.31
N CYS D 14 -25.38 10.37 8.38
CA CYS D 14 -25.40 10.00 6.97
C CYS D 14 -24.43 10.77 6.08
N PHE D 15 -23.97 11.93 6.54
CA PHE D 15 -22.96 12.68 5.82
C PHE D 15 -21.62 12.68 6.55
N ASN D 16 -20.58 12.75 5.75
CA ASN D 16 -19.19 12.86 6.19
C ASN D 16 -18.98 14.07 7.12
N PRO D 17 -18.33 13.86 8.28
CA PRO D 17 -18.08 14.98 9.23
C PRO D 17 -17.37 16.21 8.62
N MET D 18 -16.58 16.02 7.56
CA MET D 18 -16.05 17.16 6.81
C MET D 18 -17.19 18.06 6.32
N ILE D 19 -18.12 17.46 5.59
CA ILE D 19 -19.28 18.13 4.99
C ILE D 19 -20.20 18.77 6.05
N VAL D 20 -20.47 18.01 7.11
CA VAL D 20 -21.20 18.53 8.24
C VAL D 20 -20.53 19.79 8.81
N GLU D 21 -19.22 19.73 9.03
CA GLU D 21 -18.45 20.89 9.53
C GLU D 21 -18.53 22.07 8.55
N LEU D 22 -18.30 21.87 7.26
CA LEU D 22 -18.46 22.95 6.26
C LEU D 22 -19.86 23.61 6.28
N ALA D 23 -20.91 22.81 6.39
CA ALA D 23 -22.29 23.30 6.41
C ALA D 23 -22.60 24.11 7.66
N GLU D 24 -22.06 23.66 8.80
CA GLU D 24 -22.16 24.37 10.07
C GLU D 24 -21.44 25.73 10.04
N LYS D 25 -20.28 25.75 9.39
CA LYS D 25 -19.47 26.95 9.26
C LYS D 25 -20.17 27.94 8.33
N ALA D 26 -20.66 27.47 7.20
CA ALA D 26 -21.47 28.30 6.31
C ALA D 26 -22.65 28.93 7.06
N MET D 27 -23.42 28.11 7.76
CA MET D 27 -24.61 28.61 8.45
C MET D 27 -24.30 29.68 9.51
N LYS D 28 -23.26 29.47 10.32
CA LYS D 28 -22.99 30.43 11.39
C LYS D 28 -22.38 31.74 10.88
N GLU D 29 -21.65 31.65 9.78
CA GLU D 29 -21.09 32.82 9.14
C GLU D 29 -22.20 33.84 8.83
N TYR D 30 -23.34 33.33 8.38
CA TYR D 30 -24.47 34.16 7.97
C TYR D 30 -25.60 34.25 8.99
N GLY D 31 -25.29 33.95 10.25
CA GLY D 31 -26.25 34.13 11.35
C GLY D 31 -27.33 33.07 11.43
N GLU D 32 -27.03 31.85 10.99
CA GLU D 32 -28.05 30.81 10.93
C GLU D 32 -27.62 29.70 11.85
N ASP D 33 -28.60 29.09 12.49
CA ASP D 33 -28.37 28.10 13.52
C ASP D 33 -28.85 26.74 13.02
N PRO D 34 -27.90 25.82 12.80
CA PRO D 34 -28.28 24.52 12.25
C PRO D 34 -29.42 23.78 13.01
N LYS D 35 -29.54 24.02 14.31
CA LYS D 35 -30.53 23.33 15.15
C LYS D 35 -31.90 23.99 15.06
N ILE D 36 -31.98 25.22 14.56
CA ILE D 36 -33.26 25.86 14.34
C ILE D 36 -33.66 25.63 12.91
N GLU D 37 -32.74 25.93 12.01
CA GLU D 37 -33.03 25.83 10.59
C GLU D 37 -32.47 24.53 10.04
N THR D 38 -33.12 23.45 10.45
CA THR D 38 -32.65 22.11 10.20
C THR D 38 -32.85 21.65 8.79
N ASN D 39 -33.84 22.18 8.07
CA ASN D 39 -34.04 21.74 6.68
C ASN D 39 -32.99 22.40 5.76
N LYS D 40 -32.75 23.69 5.99
CA LYS D 40 -31.61 24.36 5.39
C LYS D 40 -30.31 23.56 5.65
N PHE D 41 -30.16 23.02 6.85
CA PHE D 41 -28.95 22.32 7.24
C PHE D 41 -28.78 21.10 6.33
N ALA D 42 -29.80 20.26 6.23
CA ALA D 42 -29.79 19.11 5.32
C ALA D 42 -29.51 19.54 3.86
N ALA D 43 -30.14 20.61 3.43
CA ALA D 43 -29.98 21.09 2.03
C ALA D 43 -28.53 21.44 1.69
N ILE D 44 -27.88 22.15 2.59
CA ILE D 44 -26.51 22.58 2.40
C ILE D 44 -25.60 21.32 2.34
N CYS D 45 -25.79 20.40 3.26
CA CYS D 45 -25.00 19.17 3.24
C CYS D 45 -25.18 18.41 1.94
N THR D 46 -26.42 18.32 1.48
CA THR D 46 -26.71 17.54 0.28
C THR D 46 -26.04 18.19 -0.93
N HIS D 47 -26.15 19.49 -1.03
CA HIS D 47 -25.50 20.23 -2.13
C HIS D 47 -23.99 20.05 -2.12
N LEU D 48 -23.36 20.30 -0.98
CA LEU D 48 -21.93 20.01 -0.78
C LEU D 48 -21.57 18.59 -1.28
N GLU D 49 -22.25 17.62 -0.73
CA GLU D 49 -22.11 16.20 -1.08
C GLU D 49 -22.08 15.94 -2.60
N VAL D 50 -23.02 16.53 -3.31
CA VAL D 50 -23.12 16.29 -4.71
C VAL D 50 -21.98 16.94 -5.45
N CYS D 51 -21.65 18.16 -5.07
CA CYS D 51 -20.50 18.89 -5.60
C CYS D 51 -19.22 18.07 -5.48
N PHE D 52 -18.99 17.45 -4.32
CA PHE D 52 -17.81 16.57 -4.18
C PHE D 52 -17.86 15.25 -4.98
N MET D 53 -19.01 14.58 -5.04
CA MET D 53 -19.10 13.30 -5.73
C MET D 53 -18.87 13.55 -7.22
N TYR D 54 -19.45 14.65 -7.71
CA TYR D 54 -19.29 15.09 -9.09
C TYR D 54 -17.79 15.24 -9.44
N SER D 55 -16.98 15.76 -8.54
CA SER D 55 -15.53 15.92 -8.83
C SER D 55 -14.73 14.65 -8.56
N ASP D 56 -15.19 13.88 -7.59
CA ASP D 56 -14.55 12.62 -7.18
C ASP D 56 -14.10 11.71 -8.31
N PHE D 57 -12.83 11.34 -8.33
CA PHE D 57 -12.30 10.28 -9.25
C PHE D 57 -11.93 10.71 -10.69
N HIS D 58 -12.11 11.97 -11.08
CA HIS D 58 -11.89 12.33 -12.50
C HIS D 58 -10.59 13.04 -12.66
N PHE D 59 -9.83 12.67 -13.69
CA PHE D 59 -8.48 13.20 -13.91
C PHE D 59 -8.22 13.38 -15.40
N ILE D 60 -7.23 14.22 -15.70
CA ILE D 60 -6.75 14.41 -17.07
C ILE D 60 -5.38 13.74 -17.25
N SER D 66 -8.58 12.70 -20.59
CA SER D 66 -9.46 12.62 -19.42
C SER D 66 -9.83 11.19 -19.02
N ILE D 67 -9.58 10.83 -17.75
CA ILE D 67 -9.68 9.43 -17.31
C ILE D 67 -10.25 9.26 -15.88
N ILE D 68 -10.63 8.02 -15.56
CA ILE D 68 -11.18 7.72 -14.25
C ILE D 68 -10.18 6.90 -13.46
N VAL D 69 -10.11 7.17 -12.17
CA VAL D 69 -9.15 6.59 -11.25
C VAL D 69 -9.82 6.63 -9.90
N GLU D 70 -10.16 5.46 -9.34
CA GLU D 70 -10.96 5.42 -8.10
C GLU D 70 -10.17 6.00 -6.92
N ASN D 75 -2.33 8.63 -8.48
CA ASN D 75 -1.13 8.68 -9.33
C ASN D 75 -0.65 10.12 -9.56
N ALA D 76 0.48 10.47 -8.93
CA ALA D 76 0.82 11.87 -8.62
C ALA D 76 1.17 12.82 -9.80
N LEU D 77 1.28 12.34 -11.04
CA LEU D 77 1.36 13.31 -12.18
C LEU D 77 -0.01 13.81 -12.74
N LEU D 78 -1.12 13.13 -12.47
CA LEU D 78 -2.42 13.48 -13.10
C LEU D 78 -3.03 14.71 -12.44
N LYS D 79 -3.71 15.53 -13.23
CA LYS D 79 -4.45 16.68 -12.68
C LYS D 79 -5.92 16.31 -12.43
N HIS D 80 -6.45 16.78 -11.31
CA HIS D 80 -7.89 16.76 -11.08
C HIS D 80 -8.57 17.37 -12.24
N ARG D 81 -9.66 16.76 -12.68
CA ARG D 81 -10.39 17.34 -13.81
C ARG D 81 -11.20 18.54 -13.39
N PHE D 82 -11.66 18.51 -12.15
CA PHE D 82 -12.51 19.55 -11.64
C PHE D 82 -11.84 20.27 -10.53
N GLU D 83 -11.91 21.62 -10.56
CA GLU D 83 -11.77 22.46 -9.34
C GLU D 83 -13.11 22.62 -8.66
N ILE D 84 -13.07 22.68 -7.33
CA ILE D 84 -14.23 22.88 -6.55
C ILE D 84 -14.21 24.30 -5.99
N ILE D 85 -15.26 25.06 -6.29
CA ILE D 85 -15.44 26.47 -5.85
C ILE D 85 -16.34 26.50 -4.62
N GLU D 86 -17.43 25.72 -4.65
CA GLU D 86 -18.33 25.58 -3.52
C GLU D 86 -17.59 25.05 -2.30
N GLY D 87 -18.06 25.43 -1.11
CA GLY D 87 -17.44 25.00 0.12
C GLY D 87 -16.39 25.99 0.64
N ARG D 88 -16.04 27.00 -0.16
CA ARG D 88 -15.05 28.03 0.22
C ARG D 88 -15.78 29.31 0.64
N ASP D 89 -15.15 30.16 1.46
CA ASP D 89 -15.78 31.45 1.74
C ASP D 89 -15.69 32.29 0.48
N ARG D 90 -16.33 33.46 0.49
CA ARG D 90 -16.52 34.26 -0.72
C ARG D 90 -15.20 34.70 -1.33
N ILE D 91 -14.30 35.18 -0.46
CA ILE D 91 -12.98 35.64 -0.89
C ILE D 91 -12.24 34.50 -1.55
N MET D 92 -12.15 33.38 -0.84
CA MET D 92 -11.39 32.25 -1.37
C MET D 92 -12.05 31.81 -2.63
N ALA D 93 -13.39 31.76 -2.64
CA ALA D 93 -14.08 31.18 -3.81
C ALA D 93 -13.76 32.04 -5.03
N TRP D 94 -13.88 33.36 -4.88
CA TRP D 94 -13.47 34.32 -5.92
C TRP D 94 -11.99 34.31 -6.20
N THR D 95 -11.16 34.00 -5.20
CA THR D 95 -9.69 33.79 -5.46
C THR D 95 -9.45 32.63 -6.36
N VAL D 96 -10.13 31.49 -6.09
CA VAL D 96 -9.98 30.35 -7.00
C VAL D 96 -10.45 30.70 -8.42
N VAL D 97 -11.60 31.38 -8.53
CA VAL D 97 -12.17 31.78 -9.83
C VAL D 97 -11.22 32.68 -10.65
N ASN D 98 -10.61 33.66 -9.98
CA ASN D 98 -9.57 34.52 -10.58
C ASN D 98 -8.35 33.73 -11.07
N SER D 99 -7.90 32.77 -10.29
CA SER D 99 -6.84 31.85 -10.73
C SER D 99 -7.18 31.14 -12.00
N ILE D 100 -8.39 30.55 -12.06
CA ILE D 100 -8.79 29.75 -13.21
C ILE D 100 -8.91 30.65 -14.43
N CYS D 101 -9.42 31.83 -14.21
CA CYS D 101 -9.49 32.79 -15.31
C CYS D 101 -8.09 33.18 -15.82
N ASN D 102 -7.15 33.41 -14.91
CA ASN D 102 -5.76 33.68 -15.36
C ASN D 102 -5.11 32.50 -16.08
N THR D 103 -5.26 31.30 -15.53
CA THR D 103 -4.73 30.08 -16.19
C THR D 103 -5.29 29.89 -17.57
N THR D 104 -6.63 29.87 -17.71
CA THR D 104 -7.22 29.36 -18.96
C THR D 104 -7.74 30.43 -19.90
N GLY D 105 -7.85 31.67 -19.41
CA GLY D 105 -8.46 32.73 -20.23
C GLY D 105 -9.97 32.60 -20.43
N VAL D 106 -10.64 31.84 -19.59
CA VAL D 106 -12.08 31.76 -19.67
C VAL D 106 -12.75 33.01 -19.04
N GLU D 107 -13.86 33.41 -19.59
CA GLU D 107 -14.60 34.56 -19.15
C GLU D 107 -15.00 34.39 -17.65
N LYS D 108 -14.84 35.45 -16.87
CA LYS D 108 -15.18 35.40 -15.47
C LYS D 108 -16.68 35.50 -15.37
N PRO D 109 -17.32 34.58 -14.61
CA PRO D 109 -18.77 34.70 -14.43
C PRO D 109 -19.06 35.75 -13.37
N LYS D 110 -20.29 36.28 -13.36
CA LYS D 110 -20.65 37.37 -12.49
C LYS D 110 -21.12 36.87 -11.17
N PHE D 111 -21.62 35.63 -11.13
CA PHE D 111 -22.03 34.98 -9.90
C PHE D 111 -21.17 33.75 -9.71
N LEU D 112 -20.97 33.37 -8.45
CA LEU D 112 -20.13 32.23 -8.11
C LEU D 112 -20.71 30.91 -8.57
N PRO D 113 -19.97 30.16 -9.40
CA PRO D 113 -20.38 28.79 -9.72
C PRO D 113 -19.94 27.74 -8.70
N ASP D 114 -20.09 26.46 -9.06
CA ASP D 114 -19.79 25.37 -8.10
C ASP D 114 -18.52 24.63 -8.39
N LEU D 115 -18.18 24.47 -9.66
CA LEU D 115 -17.02 23.70 -10.08
C LEU D 115 -16.45 24.35 -11.34
N TYR D 116 -15.23 24.01 -11.71
CA TYR D 116 -14.73 24.30 -13.05
C TYR D 116 -14.23 23.01 -13.68
N ASP D 117 -14.58 22.82 -14.93
CA ASP D 117 -14.26 21.63 -15.65
C ASP D 117 -13.09 21.94 -16.57
N TYR D 118 -11.91 21.40 -16.23
CA TYR D 118 -10.68 21.69 -16.98
C TYR D 118 -10.62 21.02 -18.32
N LYS D 119 -11.45 20.00 -18.55
CA LYS D 119 -11.47 19.35 -19.86
C LYS D 119 -12.36 20.13 -20.79
N GLU D 120 -13.61 20.34 -20.41
CA GLU D 120 -14.51 21.14 -21.26
C GLU D 120 -14.24 22.65 -21.15
N ASN D 121 -13.46 23.08 -20.16
CA ASN D 121 -13.19 24.53 -19.93
C ASN D 121 -14.41 25.43 -19.71
N ARG D 122 -15.24 25.06 -18.75
CA ARG D 122 -16.44 25.82 -18.46
C ARG D 122 -16.63 25.74 -16.97
N PHE D 123 -17.12 26.79 -16.37
CA PHE D 123 -17.67 26.68 -15.06
C PHE D 123 -18.98 25.89 -15.07
N ILE D 124 -19.34 25.34 -13.90
CA ILE D 124 -20.58 24.58 -13.72
C ILE D 124 -21.35 25.02 -12.48
N GLU D 125 -22.65 25.22 -12.64
CA GLU D 125 -23.53 25.42 -11.53
C GLU D 125 -24.22 24.09 -11.29
N ILE D 126 -24.10 23.56 -10.09
CA ILE D 126 -24.80 22.36 -9.67
C ILE D 126 -26.07 22.74 -8.95
N GLY D 127 -27.21 22.16 -9.37
CA GLY D 127 -28.46 22.32 -8.61
C GLY D 127 -28.97 21.05 -7.99
N VAL D 128 -29.52 21.14 -6.77
CA VAL D 128 -30.20 20.00 -6.16
C VAL D 128 -31.54 20.41 -5.64
N THR D 129 -32.56 19.64 -5.97
CA THR D 129 -33.89 20.08 -5.63
C THR D 129 -34.84 18.94 -5.24
N ARG D 130 -35.81 19.30 -4.41
CA ARG D 130 -36.81 18.39 -3.89
C ARG D 130 -38.13 18.63 -4.68
N ARG D 131 -38.09 19.60 -5.59
CA ARG D 131 -39.16 19.89 -6.51
C ARG D 131 -38.79 19.24 -7.82
N GLU D 132 -39.49 19.59 -8.87
CA GLU D 132 -39.24 19.06 -10.20
C GLU D 132 -38.04 19.70 -10.90
N VAL D 133 -37.29 18.85 -11.59
CA VAL D 133 -36.01 19.20 -12.16
C VAL D 133 -36.08 20.22 -13.31
N HIS D 134 -37.08 20.09 -14.17
CA HIS D 134 -37.16 20.97 -15.33
C HIS D 134 -37.49 22.37 -14.93
N ILE D 135 -38.44 22.53 -14.02
CA ILE D 135 -38.87 23.87 -13.63
C ILE D 135 -37.77 24.56 -12.83
N TYR D 136 -37.06 23.78 -12.00
CA TYR D 136 -35.88 24.31 -11.32
C TYR D 136 -34.77 24.68 -12.30
N TYR D 137 -34.51 23.87 -13.32
CA TYR D 137 -33.44 24.19 -14.26
C TYR D 137 -33.73 25.55 -14.89
N LEU D 138 -34.97 25.73 -15.31
CA LEU D 138 -35.39 26.98 -15.91
C LEU D 138 -35.24 28.16 -14.96
N GLU D 139 -35.54 27.98 -13.68
CA GLU D 139 -35.43 29.12 -12.78
C GLU D 139 -33.96 29.48 -12.62
N LYS D 140 -33.11 28.47 -12.65
CA LYS D 140 -31.67 28.72 -12.57
C LYS D 140 -31.08 29.28 -13.87
N ALA D 141 -31.57 28.84 -15.03
CA ALA D 141 -31.11 29.43 -16.32
C ALA D 141 -31.54 30.92 -16.55
N ASN D 142 -32.71 31.30 -16.06
CA ASN D 142 -33.11 32.71 -16.03
C ASN D 142 -32.22 33.56 -15.08
N LYS D 143 -31.79 32.97 -13.98
CA LYS D 143 -31.23 33.73 -12.83
C LYS D 143 -29.71 34.01 -12.90
N ILE D 144 -29.06 33.77 -14.05
CA ILE D 144 -27.63 34.09 -14.20
C ILE D 144 -27.30 34.75 -15.55
N LYS D 148 -23.17 30.59 -20.83
CA LYS D 148 -21.78 30.67 -20.33
C LYS D 148 -21.42 29.63 -19.23
N THR D 149 -21.94 29.78 -18.02
CA THR D 149 -21.83 28.75 -17.01
C THR D 149 -22.79 27.59 -17.35
N HIS D 150 -22.28 26.36 -17.33
CA HIS D 150 -23.07 25.13 -17.60
C HIS D 150 -23.82 24.74 -16.36
N ILE D 151 -25.12 24.43 -16.53
CA ILE D 151 -25.99 24.08 -15.45
C ILE D 151 -26.27 22.57 -15.48
N HIS D 152 -26.28 21.92 -14.31
CA HIS D 152 -26.60 20.50 -14.19
C HIS D 152 -27.41 20.34 -12.92
N ILE D 153 -28.68 19.94 -13.05
CA ILE D 153 -29.56 19.83 -11.87
C ILE D 153 -29.74 18.38 -11.56
N PHE D 154 -29.78 18.06 -10.27
CA PHE D 154 -30.16 16.72 -9.83
C PHE D 154 -31.40 16.83 -8.95
N SER D 155 -32.25 15.81 -8.96
CA SER D 155 -33.41 15.77 -8.04
C SER D 155 -33.26 14.58 -7.10
N PHE D 156 -34.07 14.51 -6.06
CA PHE D 156 -34.04 13.34 -5.16
C PHE D 156 -34.79 12.10 -5.70
N THR D 157 -35.56 12.27 -6.78
CA THR D 157 -36.28 11.15 -7.37
C THR D 157 -35.54 10.50 -8.52
N GLY D 158 -34.24 10.73 -8.61
CA GLY D 158 -33.41 10.11 -9.64
C GLY D 158 -33.36 10.79 -11.01
N GLU D 159 -33.68 12.07 -11.09
CA GLU D 159 -33.61 12.74 -12.37
C GLU D 159 -32.60 13.84 -12.42
N GLU D 160 -32.17 14.19 -13.63
CA GLU D 160 -31.21 15.25 -13.83
C GLU D 160 -31.55 15.99 -15.08
N MET D 161 -31.02 17.21 -15.22
CA MET D 161 -31.11 17.97 -16.47
C MET D 161 -29.89 18.85 -16.59
N ALA D 162 -29.30 18.89 -17.77
CA ALA D 162 -28.07 19.65 -18.03
C ALA D 162 -28.24 20.46 -19.28
N THR D 163 -27.55 21.59 -19.33
CA THR D 163 -27.51 22.43 -20.51
C THR D 163 -27.22 21.64 -21.75
N LYS D 164 -28.16 21.76 -22.69
CA LYS D 164 -28.07 21.25 -24.05
C LYS D 164 -27.93 19.75 -24.05
N ALA D 165 -28.39 19.09 -23.02
CA ALA D 165 -28.33 17.63 -22.99
C ALA D 165 -26.87 17.19 -23.01
N ASP D 166 -25.98 18.06 -22.48
CA ASP D 166 -24.58 17.77 -22.32
C ASP D 166 -24.33 17.52 -20.81
N TYR D 167 -24.41 16.26 -20.41
CA TYR D 167 -24.33 15.87 -19.02
C TYR D 167 -22.90 15.74 -18.42
N THR D 168 -21.87 16.09 -19.18
CA THR D 168 -20.49 16.18 -18.72
C THR D 168 -19.87 14.83 -18.39
N LEU D 169 -20.39 14.18 -17.37
CA LEU D 169 -19.85 12.94 -16.84
C LEU D 169 -20.48 11.72 -17.54
N ASP D 170 -19.90 10.55 -17.27
CA ASP D 170 -20.31 9.24 -17.83
C ASP D 170 -21.57 8.81 -17.09
N GLU D 171 -22.26 7.77 -17.57
CA GLU D 171 -23.53 7.29 -16.89
C GLU D 171 -23.34 6.75 -15.48
N GLU D 172 -22.32 5.92 -15.28
CA GLU D 172 -21.98 5.39 -13.96
C GLU D 172 -21.83 6.50 -12.92
N SER D 173 -21.04 7.53 -13.21
CA SER D 173 -20.85 8.60 -12.24
C SER D 173 -22.18 9.28 -11.96
N ARG D 174 -22.93 9.62 -12.98
CA ARG D 174 -24.24 10.26 -12.75
C ARG D 174 -25.16 9.39 -11.92
N ALA D 175 -25.19 8.08 -12.22
CA ALA D 175 -26.03 7.12 -11.49
C ALA D 175 -25.68 7.00 -10.03
N ARG D 176 -24.42 7.12 -9.72
CA ARG D 176 -23.94 7.10 -8.34
C ARG D 176 -24.48 8.31 -7.56
N ILE D 177 -24.52 9.48 -8.19
CA ILE D 177 -25.10 10.70 -7.54
C ILE D 177 -26.63 10.53 -7.42
N LYS D 178 -27.28 10.13 -8.50
CA LYS D 178 -28.74 9.89 -8.49
C LYS D 178 -29.17 8.89 -7.41
N THR D 179 -28.48 7.77 -7.32
CA THR D 179 -28.78 6.79 -6.28
C THR D 179 -28.45 7.32 -4.90
N ARG D 180 -27.37 8.07 -4.76
CA ARG D 180 -27.08 8.59 -3.45
C ARG D 180 -28.23 9.46 -2.96
N LEU D 181 -28.74 10.32 -3.82
CA LEU D 181 -29.87 11.21 -3.48
C LEU D 181 -31.19 10.44 -3.31
N PHE D 182 -31.47 9.51 -4.22
CA PHE D 182 -32.58 8.55 -4.01
C PHE D 182 -32.47 7.89 -2.63
N THR D 183 -31.27 7.42 -2.31
CA THR D 183 -31.03 6.77 -1.03
C THR D 183 -31.28 7.72 0.13
N ILE D 184 -30.86 8.99 0.00
CA ILE D 184 -31.08 9.97 1.07
C ILE D 184 -32.58 10.21 1.28
N ARG D 185 -33.33 10.37 0.20
CA ARG D 185 -34.78 10.55 0.32
C ARG D 185 -35.41 9.37 1.09
N GLN D 186 -35.08 8.13 0.72
CA GLN D 186 -35.59 6.94 1.44
C GLN D 186 -35.27 6.98 2.94
N GLU D 187 -34.01 7.24 3.27
CA GLU D 187 -33.62 7.27 4.66
C GLU D 187 -34.45 8.33 5.36
N MET D 188 -34.58 9.49 4.73
CA MET D 188 -35.34 10.60 5.32
C MET D 188 -36.79 10.18 5.48
N ALA D 189 -37.34 9.56 4.44
CA ALA D 189 -38.73 9.13 4.50
C ALA D 189 -38.91 8.09 5.60
N SER D 190 -37.95 7.19 5.77
CA SER D 190 -38.05 6.16 6.80
C SER D 190 -37.92 6.70 8.24
N ARG D 191 -37.46 7.95 8.40
CA ARG D 191 -37.30 8.57 9.72
C ARG D 191 -38.32 9.71 9.91
N SER D 192 -39.36 9.74 9.07
CA SER D 192 -40.42 10.74 9.15
C SER D 192 -39.93 12.18 8.91
N LEU D 193 -38.93 12.34 8.05
CA LEU D 193 -38.35 13.65 7.80
C LEU D 193 -38.53 14.15 6.35
N TRP D 194 -38.78 13.23 5.43
CA TRP D 194 -38.86 13.61 4.04
C TRP D 194 -39.90 14.67 3.79
N ASP D 195 -41.06 14.55 4.44
CA ASP D 195 -42.24 15.34 4.07
C ASP D 195 -42.05 16.83 4.32
N SER D 196 -41.53 17.17 5.48
CA SER D 196 -41.28 18.57 5.85
C SER D 196 -40.14 19.20 5.06
N PHE D 197 -39.10 18.41 4.86
CA PHE D 197 -37.97 18.74 4.03
C PHE D 197 -38.38 19.03 2.60
N ARG D 198 -39.24 18.18 2.02
CA ARG D 198 -39.73 18.47 0.65
C ARG D 198 -40.48 19.82 0.63
N GLN D 199 -41.42 20.00 1.57
CA GLN D 199 -42.22 21.24 1.70
C GLN D 199 -41.46 22.55 1.91
N SER D 200 -40.28 22.50 2.53
CA SER D 200 -39.57 23.75 2.86
C SER D 200 -38.80 24.37 1.70
N GLU D 201 -38.72 23.69 0.55
CA GLU D 201 -38.01 24.27 -0.61
C GLU D 201 -38.78 25.41 -1.24
#